data_4UFS
#
_entry.id   4UFS
#
_cell.length_a   188.609
_cell.length_b   188.609
_cell.length_c   165.292
_cell.angle_alpha   90.00
_cell.angle_beta   90.00
_cell.angle_gamma   90.00
#
_symmetry.space_group_name_H-M   'I 4 2 2'
#
loop_
_entity.id
_entity.type
_entity.pdbx_description
1 polymer 'LEUCINE-RICH REPEAT-CONTAINING G-PROTEIN COUPLED RECEPTOR 5'
2 polymer R-SPONDIN-2
3 polymer 'E3 UBIQUITIN-PROTEIN LIGASE ZNRF3'
#
loop_
_entity_poly.entity_id
_entity_poly.type
_entity_poly.pdbx_seq_one_letter_code
_entity_poly.pdbx_strand_id
1 'polypeptide(L)'
;ETLRGCPTHCHCEPDGRMLLRVDCSDLGLSELPSNLSVFTSYLDLSMNNISQLLPNPLPSLRFLEELRLAGNALTYIPKG
AFTGLYSLKVLMLQNNQLRHVPTEALQNLRSLQSLRLDANHISYVPPSCFSGLHSLRHLWLDDNALTEIPVQAFRSLSAL
QAMTLALNKIHHIPDYAFGNLSSLVVLHLHNNRIHSLGKKCFDGLHSLETLDLNYNNLDEFPTAIRTLSNLKELGFHSNN
IRSIPEKAFVGNPSLITIHFYDNPIQFVGRSAFQHLPELRTLTLNGASQITEFPDLTGTANLESLTLTGAQISSLPQTVC
NQLPNLQVLDLSYNLLEDLPSFSVCQKLQKIDLRHNEIYEIKVDTFQQLLSLRSLNLAWNKIAIIHPNAFSTLPSLIKLD
LSSNLLSSFPITGLHGLTHLKLTGNHALQSLISSENFPELKVIEMPYAYQCCAFGVCENNGNNGDSVQCSPSGTHHHHHH
HHHH
;
A
2 'polypeptide(L)'
;ETGICKGCLSCSKDNGCSRCQQKLFFFLRREGMRQYGECLHSCPSGYYGHRAPDMNRCARCRIENCDSCFSKDFCTKCKV
GFYLHRGRCFDECPDGFAPLDETMECVEGTHHHHHHHHHH
;
B
3 'polypeptide(L)'
;ETGKETAFVEVVLFESSPSGDYTTHTTGLTGRFSRAGAMLSAEGEIVQMHPLGLCNNNDEEDLYEYGWVGVVKLEQPELD
PKPCLTVLGKAKRAVQRGATAVIFDVSENPEAIDQLNQGSEDPLKRPVVYVKGADAIKLMNIVNKQKVARARIQHLGTKH
HHHHH
;
C
#
# COMPACT_ATOMS: atom_id res chain seq x y z
N LEU A 3 -38.43 -24.64 -11.27
CA LEU A 3 -38.10 -25.54 -12.42
C LEU A 3 -36.59 -25.72 -12.58
N ARG A 4 -36.19 -26.89 -13.08
CA ARG A 4 -34.79 -27.29 -13.22
C ARG A 4 -34.09 -27.48 -11.87
N GLY A 5 -33.16 -28.43 -11.82
CA GLY A 5 -32.52 -28.82 -10.57
C GLY A 5 -31.50 -27.85 -10.03
N CYS A 6 -31.99 -26.73 -9.49
CA CYS A 6 -31.16 -25.80 -8.72
C CYS A 6 -31.46 -26.09 -7.25
N PRO A 7 -30.53 -26.74 -6.54
CA PRO A 7 -30.75 -27.25 -5.17
C PRO A 7 -31.53 -26.30 -4.26
N THR A 8 -32.42 -26.88 -3.45
CA THR A 8 -33.28 -26.11 -2.55
C THR A 8 -32.46 -25.27 -1.57
N HIS A 9 -32.90 -24.04 -1.32
CA HIS A 9 -32.22 -23.04 -0.48
C HIS A 9 -31.09 -22.27 -1.20
N CYS A 10 -30.53 -22.84 -2.27
CA CYS A 10 -29.41 -22.21 -2.98
C CYS A 10 -29.88 -21.15 -3.98
N HIS A 11 -28.92 -20.42 -4.55
CA HIS A 11 -29.18 -19.39 -5.55
C HIS A 11 -28.39 -19.72 -6.82
N CYS A 12 -29.05 -19.63 -7.97
CA CYS A 12 -28.45 -19.96 -9.27
C CYS A 12 -28.46 -18.75 -10.22
N GLU A 13 -27.57 -18.78 -11.21
CA GLU A 13 -27.44 -17.69 -12.18
C GLU A 13 -26.76 -18.20 -13.46
N PRO A 14 -27.06 -17.59 -14.63
CA PRO A 14 -26.43 -18.03 -15.87
C PRO A 14 -25.13 -17.29 -16.19
N ASP A 15 -24.08 -18.04 -16.54
CA ASP A 15 -22.81 -17.46 -16.98
C ASP A 15 -22.98 -17.00 -18.44
N GLY A 16 -22.58 -17.84 -19.40
CA GLY A 16 -23.04 -17.71 -20.78
C GLY A 16 -24.40 -18.40 -20.84
N ARG A 17 -25.01 -18.46 -22.03
CA ARG A 17 -26.30 -19.12 -22.15
C ARG A 17 -26.11 -20.63 -21.93
N MET A 18 -27.11 -21.25 -21.31
CA MET A 18 -27.07 -22.66 -20.86
C MET A 18 -25.88 -23.07 -19.96
N LEU A 19 -25.06 -22.12 -19.51
CA LEU A 19 -24.08 -22.37 -18.46
C LEU A 19 -24.66 -21.87 -17.14
N LEU A 20 -24.28 -22.51 -16.04
CA LEU A 20 -24.94 -22.28 -14.76
C LEU A 20 -23.91 -21.99 -13.65
N ARG A 21 -24.21 -20.99 -12.83
CA ARG A 21 -23.37 -20.62 -11.69
C ARG A 21 -24.18 -20.74 -10.40
N VAL A 22 -23.70 -21.57 -9.48
CA VAL A 22 -24.41 -21.88 -8.24
C VAL A 22 -23.73 -21.25 -7.04
N ASP A 23 -24.53 -20.87 -6.05
CA ASP A 23 -24.04 -20.31 -4.79
C ASP A 23 -24.79 -20.94 -3.62
N CYS A 24 -24.17 -21.92 -2.97
CA CYS A 24 -24.71 -22.54 -1.75
C CYS A 24 -23.80 -22.25 -0.57
N SER A 25 -23.35 -20.99 -0.45
CA SER A 25 -22.43 -20.59 0.60
C SER A 25 -23.19 -20.11 1.83
N ASP A 26 -22.64 -20.41 3.01
CA ASP A 26 -23.25 -20.06 4.31
C ASP A 26 -24.67 -20.63 4.47
N LEU A 27 -24.83 -21.91 4.11
CA LEU A 27 -26.08 -22.64 4.36
C LEU A 27 -25.95 -23.62 5.53
N GLY A 28 -24.72 -23.98 5.90
CA GLY A 28 -24.47 -24.91 6.99
C GLY A 28 -24.87 -26.33 6.64
N LEU A 29 -24.53 -26.76 5.44
CA LEU A 29 -24.87 -28.09 4.93
C LEU A 29 -23.98 -29.17 5.52
N SER A 30 -24.59 -30.20 6.11
CA SER A 30 -23.84 -31.34 6.63
C SER A 30 -22.99 -31.96 5.51
N GLU A 31 -23.65 -32.27 4.39
CA GLU A 31 -23.00 -32.80 3.19
C GLU A 31 -23.56 -32.07 1.98
N LEU A 32 -22.94 -32.27 0.82
CA LEU A 32 -23.41 -31.62 -0.42
C LEU A 32 -24.72 -32.27 -0.89
N PRO A 33 -25.56 -31.53 -1.64
CA PRO A 33 -26.79 -32.11 -2.17
C PRO A 33 -26.55 -33.30 -3.10
N SER A 34 -27.45 -34.27 -3.07
CA SER A 34 -27.31 -35.49 -3.87
C SER A 34 -27.64 -35.27 -5.33
N ASN A 35 -28.86 -34.79 -5.60
CA ASN A 35 -29.30 -34.50 -6.97
C ASN A 35 -28.81 -33.12 -7.40
N LEU A 36 -27.67 -33.11 -8.10
CA LEU A 36 -27.03 -31.87 -8.56
C LEU A 36 -27.05 -31.82 -10.08
N SER A 37 -27.39 -30.65 -10.63
CA SER A 37 -27.50 -30.47 -12.07
C SER A 37 -26.13 -30.35 -12.75
N VAL A 38 -25.99 -31.05 -13.87
CA VAL A 38 -24.85 -30.87 -14.76
C VAL A 38 -25.06 -29.55 -15.50
N PHE A 39 -23.98 -28.98 -16.05
CA PHE A 39 -23.96 -27.65 -16.69
C PHE A 39 -23.51 -26.56 -15.72
N THR A 40 -23.13 -26.96 -14.50
CA THR A 40 -22.61 -26.03 -13.52
C THR A 40 -21.20 -25.61 -13.91
N SER A 41 -21.00 -24.31 -14.14
CA SER A 41 -19.69 -23.75 -14.46
C SER A 41 -19.11 -22.92 -13.32
N TYR A 42 -19.77 -22.95 -12.16
CA TYR A 42 -19.30 -22.24 -10.97
C TYR A 42 -20.05 -22.77 -9.75
N LEU A 43 -19.31 -23.26 -8.75
CA LEU A 43 -19.90 -23.79 -7.53
C LEU A 43 -19.22 -23.15 -6.33
N ASP A 44 -20.03 -22.64 -5.39
CA ASP A 44 -19.51 -21.96 -4.20
C ASP A 44 -20.08 -22.60 -2.93
N LEU A 45 -19.24 -23.40 -2.25
CA LEU A 45 -19.61 -24.06 -1.00
C LEU A 45 -18.69 -23.58 0.13
N SER A 46 -18.95 -22.39 0.64
CA SER A 46 -18.12 -21.79 1.69
C SER A 46 -18.85 -21.68 3.03
N MET A 47 -18.14 -22.01 4.11
CA MET A 47 -18.66 -21.92 5.48
C MET A 47 -19.89 -22.81 5.70
N ASN A 48 -19.73 -24.11 5.51
CA ASN A 48 -20.85 -25.05 5.52
C ASN A 48 -20.78 -26.19 6.54
N ASN A 49 -19.70 -26.28 7.33
CA ASN A 49 -19.52 -27.35 8.31
C ASN A 49 -19.50 -28.74 7.66
N ILE A 50 -18.78 -28.86 6.56
CA ILE A 50 -18.70 -30.09 5.79
C ILE A 50 -17.54 -30.95 6.30
N SER A 51 -17.87 -32.09 6.89
CA SER A 51 -16.87 -32.98 7.49
C SER A 51 -16.09 -33.76 6.43
N GLN A 52 -16.82 -34.45 5.56
CA GLN A 52 -16.22 -35.29 4.52
C GLN A 52 -16.86 -35.04 3.16
N LEU A 53 -16.28 -35.66 2.13
CA LEU A 53 -16.75 -35.53 0.76
C LEU A 53 -16.40 -36.79 -0.04
N LEU A 54 -17.36 -37.69 -0.29
CA LEU A 54 -18.76 -37.56 0.14
C LEU A 54 -19.38 -38.93 0.43
N PRO A 55 -20.64 -38.94 0.91
CA PRO A 55 -21.46 -40.16 0.81
C PRO A 55 -21.72 -40.48 -0.67
N ASN A 56 -22.15 -39.48 -1.42
CA ASN A 56 -22.26 -39.55 -2.88
C ASN A 56 -21.54 -38.38 -3.54
N PRO A 57 -20.21 -38.52 -3.77
CA PRO A 57 -19.52 -37.47 -4.53
C PRO A 57 -19.95 -37.50 -5.99
N LEU A 58 -19.92 -36.35 -6.64
CA LEU A 58 -20.49 -36.22 -7.98
C LEU A 58 -19.46 -35.92 -9.07
N PRO A 59 -18.98 -36.99 -9.74
CA PRO A 59 -18.37 -36.82 -11.07
C PRO A 59 -19.45 -36.54 -12.12
N SER A 60 -19.06 -36.51 -13.39
CA SER A 60 -19.97 -36.23 -14.50
C SER A 60 -20.43 -34.76 -14.59
N LEU A 61 -19.82 -33.87 -13.80
CA LEU A 61 -20.05 -32.43 -13.93
C LEU A 61 -18.88 -31.83 -14.70
N ARG A 62 -18.70 -32.31 -15.92
CA ARG A 62 -17.56 -31.95 -16.76
C ARG A 62 -17.45 -30.46 -17.13
N PHE A 63 -18.52 -29.69 -16.91
CA PHE A 63 -18.53 -28.26 -17.21
C PHE A 63 -17.98 -27.37 -16.08
N LEU A 64 -17.71 -27.95 -14.90
CA LEU A 64 -17.35 -27.15 -13.73
C LEU A 64 -16.03 -26.41 -13.94
N GLU A 65 -16.11 -25.08 -13.98
CA GLU A 65 -14.96 -24.22 -14.21
C GLU A 65 -14.29 -23.81 -12.90
N GLU A 66 -15.12 -23.42 -11.93
CA GLU A 66 -14.63 -22.91 -10.64
C GLU A 66 -15.35 -23.57 -9.46
N LEU A 67 -14.58 -24.28 -8.63
CA LEU A 67 -15.11 -24.90 -7.42
C LEU A 67 -14.53 -24.18 -6.20
N ARG A 68 -15.42 -23.65 -5.34
CA ARG A 68 -15.00 -23.05 -4.09
C ARG A 68 -15.45 -23.93 -2.93
N LEU A 69 -14.50 -24.26 -2.05
CA LEU A 69 -14.73 -25.23 -0.98
C LEU A 69 -14.03 -24.74 0.30
N ALA A 70 -14.20 -23.45 0.59
CA ALA A 70 -13.48 -22.78 1.67
C ALA A 70 -14.25 -22.80 2.98
N GLY A 71 -13.52 -22.73 4.10
CA GLY A 71 -14.13 -22.64 5.42
C GLY A 71 -14.89 -23.87 5.88
N ASN A 72 -14.66 -24.99 5.20
CA ASN A 72 -15.31 -26.26 5.54
C ASN A 72 -14.36 -27.10 6.40
N ALA A 73 -14.93 -28.03 7.15
CA ALA A 73 -14.12 -28.87 8.04
C ALA A 73 -13.58 -30.11 7.31
N LEU A 74 -12.82 -29.87 6.25
CA LEU A 74 -12.26 -30.95 5.45
C LEU A 74 -10.95 -31.43 6.06
N THR A 75 -10.91 -32.73 6.38
CA THR A 75 -9.72 -33.35 6.96
C THR A 75 -8.79 -33.89 5.87
N TYR A 76 -9.36 -34.67 4.96
CA TYR A 76 -8.62 -35.26 3.86
C TYR A 76 -9.48 -35.25 2.59
N ILE A 77 -8.89 -35.66 1.48
CA ILE A 77 -9.59 -35.77 0.21
C ILE A 77 -9.41 -37.18 -0.34
N PRO A 78 -10.51 -37.94 -0.50
CA PRO A 78 -10.44 -39.25 -1.15
C PRO A 78 -9.83 -39.17 -2.56
N LYS A 79 -9.19 -40.25 -2.97
CA LYS A 79 -8.37 -40.25 -4.20
C LYS A 79 -9.21 -40.16 -5.48
N GLY A 80 -10.46 -40.61 -5.41
CA GLY A 80 -11.38 -40.50 -6.54
C GLY A 80 -12.50 -39.50 -6.29
N ALA A 81 -12.12 -38.32 -5.79
CA ALA A 81 -13.08 -37.27 -5.44
C ALA A 81 -13.40 -36.38 -6.66
N PHE A 82 -12.35 -35.90 -7.32
CA PHE A 82 -12.50 -34.99 -8.46
C PHE A 82 -12.17 -35.68 -9.79
N THR A 83 -12.69 -36.89 -9.98
CA THR A 83 -12.43 -37.66 -11.20
C THR A 83 -13.15 -37.11 -12.43
N GLY A 84 -14.37 -36.63 -12.23
CA GLY A 84 -15.21 -36.17 -13.33
C GLY A 84 -14.84 -34.82 -13.94
N LEU A 85 -14.27 -33.93 -13.11
CA LEU A 85 -14.03 -32.55 -13.54
C LEU A 85 -12.79 -32.44 -14.44
N TYR A 86 -13.03 -32.35 -15.75
CA TYR A 86 -11.96 -32.13 -16.73
C TYR A 86 -11.77 -30.65 -17.05
N SER A 87 -12.79 -29.84 -16.80
CA SER A 87 -12.75 -28.40 -17.09
C SER A 87 -12.48 -27.53 -15.86
N LEU A 88 -12.10 -28.16 -14.75
CA LEU A 88 -11.84 -27.42 -13.50
C LEU A 88 -10.60 -26.54 -13.67
N LYS A 89 -10.82 -25.23 -13.71
CA LYS A 89 -9.73 -24.26 -13.89
C LYS A 89 -9.21 -23.71 -12.56
N VAL A 90 -10.13 -23.42 -11.63
CA VAL A 90 -9.77 -22.80 -10.36
C VAL A 90 -10.45 -23.52 -9.19
N LEU A 91 -9.62 -24.05 -8.29
CA LEU A 91 -10.09 -24.77 -7.10
C LEU A 91 -9.70 -23.99 -5.86
N MET A 92 -10.68 -23.73 -4.99
CA MET A 92 -10.45 -22.96 -3.77
C MET A 92 -10.65 -23.84 -2.52
N LEU A 93 -9.56 -24.01 -1.77
CA LEU A 93 -9.55 -24.83 -0.56
C LEU A 93 -8.81 -24.12 0.57
N GLN A 94 -9.33 -22.97 0.99
CA GLN A 94 -8.72 -22.19 2.07
C GLN A 94 -9.56 -22.27 3.33
N ASN A 95 -8.92 -22.10 4.48
CA ASN A 95 -9.57 -22.12 5.79
C ASN A 95 -10.18 -23.49 6.15
N ASN A 96 -9.56 -24.55 5.65
CA ASN A 96 -9.92 -25.91 6.04
C ASN A 96 -8.86 -26.46 6.99
N GLN A 97 -9.10 -27.64 7.55
CA GLN A 97 -8.15 -28.27 8.46
C GLN A 97 -7.43 -29.43 7.77
N LEU A 98 -6.88 -29.16 6.59
CA LEU A 98 -6.03 -30.13 5.89
C LEU A 98 -4.66 -30.14 6.55
N ARG A 99 -4.17 -31.33 6.88
CA ARG A 99 -2.86 -31.51 7.50
C ARG A 99 -1.78 -31.84 6.47
N HIS A 100 -2.19 -32.01 5.22
CA HIS A 100 -1.27 -32.32 4.13
C HIS A 100 -1.97 -32.15 2.78
N VAL A 101 -1.18 -32.06 1.71
CA VAL A 101 -1.73 -32.03 0.36
C VAL A 101 -2.19 -33.44 0.01
N PRO A 102 -3.44 -33.59 -0.49
CA PRO A 102 -3.94 -34.91 -0.86
C PRO A 102 -2.92 -35.71 -1.68
N THR A 103 -2.60 -36.92 -1.22
CA THR A 103 -1.50 -37.70 -1.76
C THR A 103 -1.67 -37.97 -3.27
N GLU A 104 -2.83 -38.47 -3.66
CA GLU A 104 -3.11 -38.81 -5.06
C GLU A 104 -4.44 -38.26 -5.61
N ALA A 105 -5.15 -37.45 -4.81
CA ALA A 105 -6.48 -36.98 -5.20
C ALA A 105 -6.44 -35.86 -6.24
N LEU A 106 -5.41 -35.00 -6.16
CA LEU A 106 -5.30 -33.84 -7.05
C LEU A 106 -4.51 -34.14 -8.34
N GLN A 107 -4.17 -35.41 -8.58
CA GLN A 107 -3.38 -35.79 -9.74
C GLN A 107 -4.19 -35.79 -11.03
N ASN A 108 -3.54 -35.38 -12.12
CA ASN A 108 -4.13 -35.41 -13.47
C ASN A 108 -5.41 -34.58 -13.64
N LEU A 109 -5.50 -33.46 -12.93
CA LEU A 109 -6.52 -32.45 -13.22
C LEU A 109 -5.97 -31.56 -14.33
N ARG A 110 -6.04 -32.08 -15.55
CA ARG A 110 -5.40 -31.48 -16.74
C ARG A 110 -5.57 -29.96 -16.87
N SER A 111 -6.76 -29.45 -16.58
CA SER A 111 -7.09 -28.04 -16.83
C SER A 111 -6.93 -27.13 -15.61
N LEU A 112 -6.55 -27.69 -14.47
CA LEU A 112 -6.42 -26.92 -13.23
C LEU A 112 -5.34 -25.86 -13.34
N GLN A 113 -5.75 -24.59 -13.37
CA GLN A 113 -4.83 -23.45 -13.51
C GLN A 113 -4.47 -22.78 -12.19
N SER A 114 -5.40 -22.76 -11.24
CA SER A 114 -5.16 -22.16 -9.92
C SER A 114 -5.66 -23.07 -8.81
N LEU A 115 -4.88 -23.12 -7.72
CA LEU A 115 -5.21 -23.98 -6.57
C LEU A 115 -4.88 -23.24 -5.28
N ARG A 116 -5.93 -22.82 -4.56
CA ARG A 116 -5.76 -22.13 -3.28
C ARG A 116 -5.73 -23.12 -2.12
N LEU A 117 -4.55 -23.34 -1.56
CA LEU A 117 -4.39 -24.19 -0.38
C LEU A 117 -3.69 -23.39 0.73
N ASP A 118 -4.30 -22.26 1.08
CA ASP A 118 -3.76 -21.35 2.10
C ASP A 118 -4.65 -21.34 3.34
N ALA A 119 -4.07 -20.91 4.46
CA ALA A 119 -4.78 -20.85 5.75
C ALA A 119 -5.25 -22.23 6.25
N ASN A 120 -4.47 -23.27 5.93
CA ASN A 120 -4.70 -24.62 6.45
C ASN A 120 -3.62 -24.93 7.48
N HIS A 121 -3.57 -26.19 7.92
CA HIS A 121 -2.53 -26.64 8.85
C HIS A 121 -1.61 -27.68 8.19
N ILE A 122 -1.32 -27.50 6.89
CA ILE A 122 -0.51 -28.49 6.17
C ILE A 122 0.96 -28.35 6.53
N SER A 123 1.66 -29.47 6.50
CA SER A 123 3.11 -29.52 6.75
C SER A 123 3.82 -30.30 5.65
N TYR A 124 3.36 -31.53 5.41
CA TYR A 124 3.95 -32.41 4.41
C TYR A 124 3.31 -32.23 3.04
N VAL A 125 4.16 -32.22 2.00
CA VAL A 125 3.71 -32.19 0.62
C VAL A 125 4.31 -33.41 -0.10
N PRO A 126 3.52 -34.48 -0.27
CA PRO A 126 4.06 -35.70 -0.89
C PRO A 126 4.49 -35.49 -2.35
N PRO A 127 5.58 -36.17 -2.76
CA PRO A 127 6.08 -36.01 -4.14
C PRO A 127 5.11 -36.57 -5.18
N SER A 128 5.01 -35.87 -6.30
CA SER A 128 4.11 -36.24 -7.40
C SER A 128 2.62 -36.21 -7.02
N CYS A 129 2.27 -35.38 -6.03
CA CYS A 129 0.88 -35.11 -5.70
C CYS A 129 0.30 -34.12 -6.70
N PHE A 130 1.19 -33.30 -7.29
CA PHE A 130 0.82 -32.37 -8.34
C PHE A 130 1.18 -32.94 -9.73
N SER A 131 1.26 -34.26 -9.84
CA SER A 131 1.66 -34.91 -11.08
C SER A 131 0.54 -34.87 -12.11
N GLY A 132 0.87 -34.44 -13.33
CA GLY A 132 -0.10 -34.33 -14.40
C GLY A 132 -0.82 -32.99 -14.46
N LEU A 133 -0.48 -32.07 -13.56
CA LEU A 133 -1.04 -30.73 -13.58
C LEU A 133 -0.28 -29.88 -14.58
N HIS A 134 -0.67 -30.01 -15.85
CA HIS A 134 0.00 -29.34 -16.96
C HIS A 134 -0.33 -27.85 -17.00
N SER A 135 -1.52 -27.50 -16.51
CA SER A 135 -2.04 -26.14 -16.63
C SER A 135 -1.84 -25.26 -15.39
N LEU A 136 -1.38 -25.84 -14.28
CA LEU A 136 -1.30 -25.11 -13.01
C LEU A 136 -0.37 -23.90 -13.08
N ARG A 137 -0.97 -22.71 -13.14
CA ARG A 137 -0.23 -21.45 -13.20
C ARG A 137 -0.02 -20.86 -11.80
N HIS A 138 -1.09 -20.81 -11.01
CA HIS A 138 -1.07 -20.11 -9.72
C HIS A 138 -1.21 -21.10 -8.56
N LEU A 139 -0.62 -20.75 -7.42
CA LEU A 139 -0.63 -21.60 -6.23
C LEU A 139 -0.53 -20.76 -4.96
N TRP A 140 -1.40 -21.03 -4.00
CA TRP A 140 -1.37 -20.37 -2.70
C TRP A 140 -1.03 -21.42 -1.64
N LEU A 141 0.02 -21.16 -0.86
CA LEU A 141 0.40 -22.03 0.24
C LEU A 141 0.87 -21.19 1.44
N ASP A 142 0.11 -20.13 1.72
CA ASP A 142 0.44 -19.22 2.82
C ASP A 142 -0.42 -19.48 4.05
N ASP A 143 0.13 -19.14 5.21
CA ASP A 143 -0.52 -19.35 6.51
C ASP A 143 -0.71 -20.85 6.78
N ASN A 144 0.33 -21.62 6.49
CA ASN A 144 0.37 -23.06 6.72
C ASN A 144 1.58 -23.41 7.59
N ALA A 145 1.76 -24.70 7.89
CA ALA A 145 2.84 -25.14 8.78
C ALA A 145 3.97 -25.85 8.02
N LEU A 146 4.41 -25.26 6.91
CA LEU A 146 5.51 -25.82 6.13
C LEU A 146 6.85 -25.61 6.84
N THR A 147 7.77 -26.56 6.64
CA THR A 147 9.09 -26.54 7.29
C THR A 147 10.22 -26.26 6.28
N GLU A 148 10.16 -26.89 5.12
CA GLU A 148 11.10 -26.62 4.03
C GLU A 148 10.36 -26.51 2.70
N ILE A 149 11.12 -26.19 1.64
CA ILE A 149 10.57 -26.16 0.29
C ILE A 149 10.46 -27.59 -0.23
N PRO A 150 9.24 -28.02 -0.61
CA PRO A 150 9.12 -29.34 -1.24
C PRO A 150 9.61 -29.30 -2.68
N VAL A 151 10.94 -29.33 -2.85
CA VAL A 151 11.57 -29.30 -4.17
C VAL A 151 11.17 -30.49 -5.04
N GLN A 152 11.05 -31.66 -4.42
CA GLN A 152 10.65 -32.88 -5.14
C GLN A 152 9.24 -32.80 -5.72
N ALA A 153 8.32 -32.17 -5.00
CA ALA A 153 6.94 -32.02 -5.44
C ALA A 153 6.80 -30.90 -6.49
N PHE A 154 7.54 -29.82 -6.31
CA PHE A 154 7.50 -28.67 -7.23
C PHE A 154 8.20 -28.92 -8.57
N ARG A 155 9.01 -29.98 -8.66
CA ARG A 155 9.79 -30.23 -9.88
C ARG A 155 8.93 -30.66 -11.08
N SER A 156 7.71 -31.12 -10.83
CA SER A 156 6.75 -31.43 -11.89
C SER A 156 6.02 -30.17 -12.38
N LEU A 157 5.90 -29.18 -11.51
CA LEU A 157 5.17 -27.95 -11.81
C LEU A 157 6.01 -26.98 -12.65
N SER A 158 6.14 -27.28 -13.94
CA SER A 158 6.87 -26.43 -14.87
C SER A 158 6.03 -25.24 -15.34
N ALA A 159 4.71 -25.35 -15.22
CA ALA A 159 3.78 -24.33 -15.69
C ALA A 159 3.50 -23.22 -14.67
N LEU A 160 3.96 -23.39 -13.43
CA LEU A 160 3.72 -22.40 -12.37
C LEU A 160 4.27 -21.02 -12.73
N GLN A 161 3.42 -20.00 -12.60
CA GLN A 161 3.82 -18.61 -12.80
C GLN A 161 3.84 -17.80 -11.51
N ALA A 162 3.02 -18.17 -10.53
CA ALA A 162 2.96 -17.48 -9.24
C ALA A 162 2.91 -18.48 -8.08
N MET A 163 3.52 -18.11 -6.97
CA MET A 163 3.53 -18.95 -5.76
C MET A 163 3.74 -18.09 -4.52
N THR A 164 3.02 -18.42 -3.45
CA THR A 164 3.12 -17.71 -2.18
C THR A 164 3.32 -18.70 -1.04
N LEU A 165 4.52 -18.73 -0.48
CA LEU A 165 4.84 -19.57 0.67
C LEU A 165 5.05 -18.69 1.91
N ALA A 166 4.20 -17.68 2.06
CA ALA A 166 4.33 -16.70 3.14
C ALA A 166 3.64 -17.18 4.41
N LEU A 167 3.98 -16.57 5.54
CA LEU A 167 3.40 -16.93 6.86
C LEU A 167 3.56 -18.42 7.19
N ASN A 168 4.68 -19.01 6.79
CA ASN A 168 5.01 -20.40 7.12
C ASN A 168 6.19 -20.44 8.09
N LYS A 169 6.66 -21.65 8.41
CA LYS A 169 7.83 -21.83 9.27
C LYS A 169 9.02 -22.37 8.47
N ILE A 170 9.26 -21.80 7.29
CA ILE A 170 10.36 -22.24 6.43
C ILE A 170 11.64 -21.56 6.90
N HIS A 171 12.68 -22.36 7.16
CA HIS A 171 13.94 -21.86 7.73
C HIS A 171 15.15 -21.98 6.81
N HIS A 172 15.00 -22.67 5.69
CA HIS A 172 16.12 -22.89 4.76
C HIS A 172 15.66 -23.17 3.33
N ILE A 173 16.37 -22.57 2.37
CA ILE A 173 16.14 -22.81 0.95
C ILE A 173 17.40 -23.46 0.36
N PRO A 174 17.32 -24.77 0.02
CA PRO A 174 18.46 -25.47 -0.58
C PRO A 174 18.84 -24.96 -1.97
N ASP A 175 19.99 -25.43 -2.46
CA ASP A 175 20.44 -25.10 -3.82
C ASP A 175 19.56 -25.81 -4.85
N TYR A 176 19.15 -25.07 -5.87
CA TYR A 176 18.22 -25.58 -6.90
C TYR A 176 16.92 -26.09 -6.27
N ALA A 177 16.36 -25.30 -5.35
CA ALA A 177 15.13 -25.67 -4.65
C ALA A 177 13.88 -25.53 -5.53
N PHE A 178 13.98 -24.72 -6.58
CA PHE A 178 12.90 -24.53 -7.54
C PHE A 178 13.39 -24.83 -8.95
N GLY A 179 13.91 -26.04 -9.12
CA GLY A 179 14.63 -26.43 -10.35
C GLY A 179 13.90 -26.25 -11.66
N ASN A 180 12.80 -27.00 -11.84
CA ASN A 180 12.11 -27.06 -13.13
C ASN A 180 11.07 -25.94 -13.34
N LEU A 181 10.96 -25.02 -12.38
CA LEU A 181 9.99 -23.91 -12.48
C LEU A 181 10.54 -22.80 -13.38
N SER A 182 10.55 -23.04 -14.68
CA SER A 182 11.08 -22.07 -15.65
C SER A 182 10.12 -20.91 -15.89
N SER A 183 8.82 -21.17 -15.74
CA SER A 183 7.79 -20.16 -15.99
C SER A 183 7.46 -19.28 -14.79
N LEU A 184 8.04 -19.58 -13.62
CA LEU A 184 7.73 -18.85 -12.38
C LEU A 184 8.13 -17.38 -12.48
N VAL A 185 7.15 -16.50 -12.29
CA VAL A 185 7.35 -15.05 -12.37
C VAL A 185 7.36 -14.41 -10.98
N VAL A 186 6.36 -14.76 -10.15
CA VAL A 186 6.22 -14.19 -8.81
C VAL A 186 6.52 -15.24 -7.74
N LEU A 187 7.24 -14.82 -6.70
CA LEU A 187 7.57 -15.69 -5.57
C LEU A 187 7.52 -14.91 -4.26
N HIS A 188 6.58 -15.26 -3.39
CA HIS A 188 6.39 -14.58 -2.11
C HIS A 188 6.79 -15.50 -0.95
N LEU A 189 7.87 -15.14 -0.27
CA LEU A 189 8.40 -15.92 0.86
C LEU A 189 8.43 -15.13 2.16
N HIS A 190 7.59 -14.11 2.27
CA HIS A 190 7.63 -13.21 3.43
C HIS A 190 7.00 -13.83 4.68
N ASN A 191 7.33 -13.26 5.84
CA ASN A 191 6.84 -13.74 7.14
C ASN A 191 7.20 -15.21 7.42
N ASN A 192 8.44 -15.58 7.09
CA ASN A 192 8.99 -16.89 7.36
C ASN A 192 10.12 -16.78 8.39
N ARG A 193 10.74 -17.90 8.72
CA ARG A 193 11.92 -17.92 9.60
C ARG A 193 13.20 -18.20 8.80
N ILE A 194 13.28 -17.64 7.59
CA ILE A 194 14.37 -17.96 6.66
C ILE A 194 15.71 -17.43 7.21
N HIS A 195 16.50 -18.32 7.78
CA HIS A 195 17.79 -17.95 8.36
C HIS A 195 18.91 -17.98 7.32
N SER A 196 19.03 -19.11 6.63
CA SER A 196 20.10 -19.31 5.65
C SER A 196 19.56 -19.86 4.33
N LEU A 197 20.13 -19.40 3.23
CA LEU A 197 19.80 -19.90 1.89
C LEU A 197 21.08 -20.14 1.10
N GLY A 198 21.00 -21.04 0.11
CA GLY A 198 22.17 -21.40 -0.69
C GLY A 198 22.62 -20.31 -1.63
N LYS A 199 23.81 -20.48 -2.19
CA LYS A 199 24.37 -19.52 -3.15
C LYS A 199 23.78 -19.72 -4.54
N LYS A 200 23.18 -20.88 -4.77
CA LYS A 200 22.52 -21.20 -6.04
C LYS A 200 21.11 -21.73 -5.78
N CYS A 201 20.38 -21.05 -4.89
CA CYS A 201 19.05 -21.49 -4.48
C CYS A 201 17.93 -21.04 -5.43
N PHE A 202 18.20 -20.01 -6.24
CA PHE A 202 17.24 -19.51 -7.22
C PHE A 202 17.72 -19.69 -8.66
N ASP A 203 18.53 -20.71 -8.92
CA ASP A 203 19.09 -20.95 -10.25
C ASP A 203 18.08 -21.56 -11.24
N GLY A 204 16.98 -22.11 -10.74
CA GLY A 204 15.99 -22.76 -11.57
C GLY A 204 15.14 -21.80 -12.39
N LEU A 205 14.55 -20.81 -11.72
CA LEU A 205 13.62 -19.87 -12.38
C LEU A 205 14.35 -18.76 -13.12
N HIS A 206 14.11 -18.68 -14.43
CA HIS A 206 14.67 -17.64 -15.29
C HIS A 206 13.70 -16.48 -15.48
N SER A 207 12.40 -16.78 -15.46
CA SER A 207 11.35 -15.79 -15.69
C SER A 207 10.95 -15.00 -14.44
N LEU A 208 11.59 -15.27 -13.30
CA LEU A 208 11.24 -14.63 -12.04
C LEU A 208 11.47 -13.12 -12.08
N GLU A 209 10.39 -12.35 -11.93
CA GLU A 209 10.44 -10.89 -11.96
C GLU A 209 10.41 -10.27 -10.57
N THR A 210 9.54 -10.80 -9.70
CA THR A 210 9.39 -10.25 -8.34
C THR A 210 9.76 -11.29 -7.28
N LEU A 211 10.43 -10.82 -6.22
CA LEU A 211 10.83 -11.66 -5.10
C LEU A 211 10.51 -10.93 -3.79
N ASP A 212 9.85 -11.62 -2.86
CA ASP A 212 9.46 -11.04 -1.58
C ASP A 212 10.06 -11.85 -0.42
N LEU A 213 11.17 -11.36 0.13
CA LEU A 213 11.85 -11.97 1.27
C LEU A 213 11.69 -11.13 2.54
N ASN A 214 10.60 -10.38 2.63
CA ASN A 214 10.38 -9.46 3.75
C ASN A 214 9.99 -10.19 5.03
N TYR A 215 10.18 -9.51 6.17
CA TYR A 215 9.86 -10.08 7.48
C TYR A 215 10.46 -11.47 7.69
N ASN A 216 11.78 -11.55 7.59
CA ASN A 216 12.52 -12.82 7.71
C ASN A 216 13.73 -12.67 8.65
N ASN A 217 14.48 -13.75 8.83
CA ASN A 217 15.61 -13.76 9.76
C ASN A 217 16.97 -13.98 9.06
N LEU A 218 17.15 -13.37 7.88
CA LEU A 218 18.40 -13.51 7.13
C LEU A 218 19.56 -12.81 7.85
N ASP A 219 20.75 -13.40 7.76
CA ASP A 219 21.95 -12.86 8.42
C ASP A 219 22.88 -12.11 7.47
N GLU A 220 22.93 -12.53 6.20
CA GLU A 220 23.78 -11.88 5.20
C GLU A 220 22.99 -11.65 3.91
N PHE A 221 23.48 -10.75 3.07
CA PHE A 221 22.90 -10.48 1.76
C PHE A 221 22.72 -11.76 0.95
N PRO A 222 21.54 -11.96 0.34
CA PRO A 222 21.32 -13.16 -0.46
C PRO A 222 22.05 -13.10 -1.80
N THR A 223 23.12 -13.88 -1.93
CA THR A 223 23.95 -13.90 -3.14
C THR A 223 23.41 -14.84 -4.22
N ALA A 224 22.29 -15.52 -3.95
CA ALA A 224 21.59 -16.31 -4.96
C ALA A 224 20.94 -15.41 -6.01
N ILE A 225 20.72 -14.15 -5.65
CA ILE A 225 20.23 -13.11 -6.56
C ILE A 225 21.01 -13.05 -7.90
N ARG A 226 22.30 -13.34 -7.86
CA ARG A 226 23.19 -13.28 -9.04
C ARG A 226 22.53 -13.77 -10.33
N THR A 227 21.92 -14.96 -10.28
CA THR A 227 21.38 -15.61 -11.48
C THR A 227 20.12 -14.97 -12.07
N LEU A 228 19.37 -14.24 -11.25
CA LEU A 228 18.05 -13.73 -11.66
C LEU A 228 18.18 -12.51 -12.57
N SER A 229 18.15 -12.75 -13.88
CA SER A 229 18.32 -11.69 -14.88
C SER A 229 17.06 -10.85 -15.08
N ASN A 230 15.90 -11.53 -15.12
CA ASN A 230 14.61 -10.86 -15.34
C ASN A 230 14.02 -10.18 -14.10
N LEU A 231 14.75 -10.19 -12.99
CA LEU A 231 14.27 -9.60 -11.74
C LEU A 231 13.99 -8.11 -11.89
N LYS A 232 12.83 -7.67 -11.40
CA LYS A 232 12.38 -6.29 -11.47
C LYS A 232 12.14 -5.71 -10.09
N GLU A 233 11.30 -6.37 -9.30
CA GLU A 233 11.04 -5.99 -7.91
C GLU A 233 11.79 -6.95 -6.97
N LEU A 234 12.31 -6.40 -5.88
CA LEU A 234 12.97 -7.19 -4.85
C LEU A 234 12.66 -6.58 -3.48
N GLY A 235 12.28 -7.42 -2.52
CA GLY A 235 12.04 -6.97 -1.16
C GLY A 235 12.70 -7.91 -0.17
N PHE A 236 13.48 -7.35 0.76
CA PHE A 236 14.05 -8.12 1.86
C PHE A 236 14.24 -7.27 3.12
N HIS A 237 13.24 -6.44 3.40
CA HIS A 237 13.28 -5.57 4.59
C HIS A 237 12.88 -6.35 5.84
N SER A 238 13.19 -5.78 7.00
CA SER A 238 12.91 -6.39 8.31
C SER A 238 13.63 -7.72 8.52
N ASN A 239 14.88 -7.78 8.06
CA ASN A 239 15.77 -8.92 8.31
C ASN A 239 16.92 -8.49 9.21
N ASN A 240 17.87 -9.40 9.47
CA ASN A 240 19.08 -9.07 10.23
C ASN A 240 20.33 -9.10 9.34
N ILE A 241 20.19 -8.60 8.11
CA ILE A 241 21.31 -8.57 7.15
C ILE A 241 22.28 -7.46 7.55
N ARG A 242 23.58 -7.73 7.38
CA ARG A 242 24.63 -6.86 7.90
C ARG A 242 25.29 -5.97 6.84
N SER A 243 25.44 -6.46 5.62
CA SER A 243 26.16 -5.70 4.59
C SER A 243 25.78 -6.09 3.16
N ILE A 244 25.81 -5.10 2.27
CA ILE A 244 25.66 -5.31 0.83
C ILE A 244 27.07 -5.42 0.24
N PRO A 245 27.38 -6.55 -0.42
CA PRO A 245 28.72 -6.76 -0.98
C PRO A 245 28.96 -5.97 -2.27
N GLU A 246 30.21 -5.98 -2.74
CA GLU A 246 30.56 -5.33 -4.00
C GLU A 246 30.00 -6.14 -5.16
N LYS A 247 29.47 -5.44 -6.15
CA LYS A 247 28.76 -6.06 -7.29
C LYS A 247 27.62 -6.96 -6.80
N ALA A 248 26.75 -6.38 -5.99
CA ALA A 248 25.61 -7.11 -5.41
C ALA A 248 24.53 -7.35 -6.46
N PHE A 249 24.14 -6.29 -7.17
CA PHE A 249 23.11 -6.36 -8.20
C PHE A 249 23.70 -6.29 -9.61
N VAL A 250 24.89 -6.88 -9.79
CA VAL A 250 25.53 -6.95 -11.11
C VAL A 250 24.75 -7.84 -12.08
N GLY A 251 24.20 -8.93 -11.57
CA GLY A 251 23.48 -9.89 -12.40
C GLY A 251 22.01 -9.58 -12.63
N ASN A 252 21.52 -8.47 -12.08
CA ASN A 252 20.11 -8.10 -12.17
C ASN A 252 19.89 -6.67 -12.68
N PRO A 253 20.22 -6.42 -13.95
CA PRO A 253 19.82 -5.15 -14.56
C PRO A 253 18.32 -5.12 -14.83
N SER A 254 17.77 -3.94 -15.05
CA SER A 254 16.33 -3.72 -15.18
C SER A 254 15.59 -3.91 -13.85
N LEU A 255 16.30 -3.69 -12.73
CA LEU A 255 15.68 -3.66 -11.41
C LEU A 255 15.03 -2.29 -11.21
N ILE A 256 13.79 -2.30 -10.73
CA ILE A 256 12.96 -1.09 -10.66
C ILE A 256 12.72 -0.64 -9.22
N THR A 257 12.30 -1.56 -8.36
CA THR A 257 12.00 -1.26 -6.96
C THR A 257 12.74 -2.21 -6.01
N ILE A 258 13.33 -1.66 -4.95
CA ILE A 258 14.03 -2.44 -3.95
C ILE A 258 13.68 -1.94 -2.54
N HIS A 259 13.38 -2.87 -1.63
CA HIS A 259 13.13 -2.56 -0.23
C HIS A 259 14.11 -3.32 0.65
N PHE A 260 14.75 -2.60 1.58
CA PHE A 260 15.64 -3.24 2.57
C PHE A 260 15.76 -2.44 3.87
N TYR A 261 14.68 -1.79 4.30
CA TYR A 261 14.66 -1.07 5.57
C TYR A 261 14.55 -2.04 6.75
N ASP A 262 14.70 -1.52 7.97
CA ASP A 262 14.73 -2.34 9.19
C ASP A 262 15.80 -3.43 9.14
N ASN A 263 16.89 -3.15 8.45
CA ASN A 263 18.05 -4.03 8.40
C ASN A 263 19.25 -3.28 8.98
N PRO A 264 19.99 -3.92 9.90
CA PRO A 264 21.17 -3.26 10.45
C PRO A 264 22.34 -3.27 9.45
N ILE A 265 22.22 -2.46 8.40
CA ILE A 265 23.22 -2.39 7.34
C ILE A 265 24.31 -1.41 7.75
N GLN A 266 25.52 -1.92 7.93
CA GLN A 266 26.66 -1.10 8.36
C GLN A 266 27.52 -0.71 7.16
N PHE A 267 28.02 -1.72 6.44
CA PHE A 267 28.86 -1.49 5.26
C PHE A 267 28.08 -1.74 3.96
N VAL A 268 28.40 -0.95 2.94
CA VAL A 268 27.85 -1.12 1.60
C VAL A 268 28.97 -0.92 0.58
N GLY A 269 29.03 -1.79 -0.42
CA GLY A 269 30.02 -1.69 -1.48
C GLY A 269 29.79 -0.47 -2.35
N ARG A 270 30.88 0.19 -2.74
CA ARG A 270 30.79 1.42 -3.53
C ARG A 270 30.29 1.17 -4.96
N SER A 271 30.66 0.03 -5.54
CA SER A 271 30.20 -0.36 -6.88
C SER A 271 29.05 -1.37 -6.82
N ALA A 272 28.36 -1.45 -5.68
CA ALA A 272 27.26 -2.38 -5.50
C ALA A 272 25.99 -1.91 -6.23
N PHE A 273 25.82 -0.59 -6.32
CA PHE A 273 24.66 0.00 -6.99
C PHE A 273 25.06 0.64 -8.31
N GLN A 274 25.59 -0.19 -9.21
CA GLN A 274 25.93 0.24 -10.57
C GLN A 274 25.06 -0.49 -11.59
N HIS A 275 24.81 0.17 -12.72
CA HIS A 275 24.00 -0.38 -13.82
C HIS A 275 22.59 -0.80 -13.37
N LEU A 276 21.85 0.19 -12.90
CA LEU A 276 20.45 0.05 -12.52
C LEU A 276 19.69 1.22 -13.14
N PRO A 277 19.62 1.27 -14.49
CA PRO A 277 19.13 2.44 -15.21
C PRO A 277 17.65 2.78 -14.99
N GLU A 278 16.84 1.78 -14.64
CA GLU A 278 15.41 1.98 -14.42
C GLU A 278 15.04 2.14 -12.94
N LEU A 279 16.05 2.18 -12.06
CA LEU A 279 15.82 2.41 -10.64
C LEU A 279 15.57 3.89 -10.38
N ARG A 280 14.44 4.20 -9.73
CA ARG A 280 14.00 5.58 -9.53
C ARG A 280 14.31 6.15 -8.13
N THR A 281 14.31 5.30 -7.10
CA THR A 281 14.46 5.76 -5.72
C THR A 281 15.50 4.94 -4.96
N LEU A 282 16.23 5.61 -4.06
CA LEU A 282 17.20 4.96 -3.18
C LEU A 282 17.18 5.63 -1.81
N THR A 283 17.13 4.81 -0.75
CA THR A 283 17.09 5.31 0.63
C THR A 283 18.02 4.51 1.54
N LEU A 284 19.00 5.19 2.13
CA LEU A 284 19.93 4.59 3.07
C LEU A 284 19.91 5.36 4.40
N ASN A 285 19.54 4.67 5.48
CA ASN A 285 19.54 5.26 6.83
C ASN A 285 20.40 4.46 7.79
N GLY A 286 21.40 5.13 8.36
CA GLY A 286 22.25 4.52 9.40
C GLY A 286 23.31 3.57 8.88
N ALA A 287 23.91 3.91 7.74
CA ALA A 287 25.05 3.16 7.21
C ALA A 287 26.34 3.86 7.67
N SER A 288 26.74 3.56 8.90
CA SER A 288 27.83 4.28 9.56
C SER A 288 29.21 4.05 8.94
N GLN A 289 29.41 2.89 8.31
CA GLN A 289 30.73 2.51 7.81
C GLN A 289 31.03 2.96 6.37
N ILE A 290 30.09 3.70 5.75
CA ILE A 290 30.34 4.28 4.44
C ILE A 290 31.20 5.53 4.60
N THR A 291 32.41 5.49 4.05
CA THR A 291 33.39 6.57 4.20
C THR A 291 33.48 7.50 2.98
N GLU A 292 33.15 6.98 1.80
CA GLU A 292 33.24 7.75 0.56
C GLU A 292 31.98 7.57 -0.30
N PHE A 293 31.73 8.54 -1.16
CA PHE A 293 30.52 8.55 -2.00
C PHE A 293 30.50 7.39 -3.00
N PRO A 294 29.35 6.70 -3.13
CA PRO A 294 29.26 5.55 -4.03
C PRO A 294 29.17 5.95 -5.51
N ASP A 295 29.74 5.12 -6.37
CA ASP A 295 29.70 5.36 -7.81
C ASP A 295 28.37 4.89 -8.38
N LEU A 296 27.75 5.74 -9.21
CA LEU A 296 26.44 5.44 -9.79
C LEU A 296 26.50 5.56 -11.31
N THR A 297 27.34 4.73 -11.92
CA THR A 297 27.49 4.67 -13.37
C THR A 297 26.43 3.75 -13.97
N GLY A 298 25.73 4.23 -14.99
CA GLY A 298 24.65 3.48 -15.62
C GLY A 298 23.36 3.47 -14.82
N THR A 299 23.20 4.46 -13.94
CA THR A 299 21.97 4.64 -13.16
C THR A 299 21.76 6.13 -12.92
N ALA A 300 21.38 6.82 -13.99
CA ALA A 300 21.22 8.28 -13.98
C ALA A 300 19.77 8.72 -13.79
N ASN A 301 18.85 7.77 -13.70
CA ASN A 301 17.42 8.09 -13.56
C ASN A 301 16.90 8.06 -12.12
N LEU A 302 17.80 8.26 -11.15
CA LEU A 302 17.40 8.36 -9.74
C LEU A 302 16.71 9.69 -9.48
N GLU A 303 15.45 9.63 -9.06
CA GLU A 303 14.66 10.83 -8.75
C GLU A 303 14.74 11.22 -7.27
N SER A 304 14.95 10.23 -6.40
CA SER A 304 15.03 10.49 -4.96
C SER A 304 16.23 9.76 -4.34
N LEU A 305 17.22 10.53 -3.89
CA LEU A 305 18.39 9.99 -3.21
C LEU A 305 18.44 10.53 -1.78
N THR A 306 18.45 9.62 -0.80
CA THR A 306 18.54 9.98 0.60
C THR A 306 19.49 9.04 1.33
N LEU A 307 20.57 9.60 1.88
CA LEU A 307 21.65 8.83 2.49
C LEU A 307 22.13 9.51 3.77
N THR A 308 21.72 8.97 4.92
CA THR A 308 22.00 9.60 6.22
C THR A 308 22.69 8.65 7.20
N GLY A 309 23.31 9.23 8.22
CA GLY A 309 23.98 8.46 9.26
C GLY A 309 25.22 7.73 8.78
N ALA A 310 26.10 8.48 8.12
CA ALA A 310 27.33 7.91 7.55
C ALA A 310 28.53 8.84 7.80
N GLN A 311 29.68 8.48 7.27
CA GLN A 311 30.92 9.26 7.44
C GLN A 311 31.49 9.70 6.09
N ILE A 312 30.63 10.27 5.24
CA ILE A 312 31.07 10.75 3.92
C ILE A 312 31.81 12.07 4.08
N SER A 313 33.06 12.11 3.59
CA SER A 313 33.94 13.26 3.80
C SER A 313 33.64 14.38 2.80
N SER A 314 33.69 14.07 1.51
CA SER A 314 33.47 15.05 0.46
C SER A 314 32.94 14.39 -0.83
N LEU A 315 32.43 15.22 -1.73
CA LEU A 315 31.77 14.75 -2.95
C LEU A 315 32.65 14.93 -4.18
N PRO A 316 32.47 14.06 -5.19
CA PRO A 316 33.06 14.31 -6.51
C PRO A 316 32.52 15.60 -7.12
N GLN A 317 33.38 16.33 -7.82
CA GLN A 317 32.99 17.61 -8.43
C GLN A 317 32.17 17.43 -9.70
N THR A 318 32.15 16.21 -10.25
CA THR A 318 31.26 15.84 -11.34
C THR A 318 30.23 14.81 -10.86
N VAL A 319 29.72 14.99 -9.66
CA VAL A 319 28.70 14.10 -9.10
C VAL A 319 27.33 14.32 -9.75
N CYS A 320 27.03 15.56 -10.12
CA CYS A 320 25.76 15.91 -10.75
C CYS A 320 25.67 15.50 -12.23
N ASN A 321 26.81 15.19 -12.84
CA ASN A 321 26.84 14.59 -14.17
C ASN A 321 26.23 13.18 -14.15
N GLN A 322 26.46 12.47 -13.05
CA GLN A 322 25.86 11.14 -12.85
C GLN A 322 24.39 11.24 -12.41
N LEU A 323 24.03 12.36 -11.77
CA LEU A 323 22.69 12.54 -11.20
C LEU A 323 21.90 13.70 -11.83
N PRO A 324 21.48 13.54 -13.10
CA PRO A 324 20.38 14.35 -13.61
C PRO A 324 19.05 13.66 -13.28
N ASN A 325 17.93 14.33 -13.54
CA ASN A 325 16.60 13.81 -13.20
C ASN A 325 16.34 13.64 -11.69
N LEU A 326 17.29 14.08 -10.86
CA LEU A 326 17.16 13.98 -9.41
C LEU A 326 16.25 15.09 -8.90
N GLN A 327 15.50 14.81 -7.84
CA GLN A 327 14.53 15.76 -7.30
C GLN A 327 14.81 16.10 -5.84
N VAL A 328 14.78 15.10 -4.97
CA VAL A 328 15.08 15.32 -3.55
C VAL A 328 16.45 14.76 -3.18
N LEU A 329 17.15 15.46 -2.28
CA LEU A 329 18.49 15.08 -1.86
C LEU A 329 18.68 15.30 -0.36
N ASP A 330 18.71 14.20 0.39
CA ASP A 330 18.87 14.26 1.84
C ASP A 330 20.17 13.58 2.27
N LEU A 331 21.20 14.38 2.54
CA LEU A 331 22.48 13.89 3.04
C LEU A 331 22.74 14.42 4.44
N SER A 332 21.73 14.34 5.30
CA SER A 332 21.83 14.82 6.68
C SER A 332 22.60 13.84 7.56
N TYR A 333 23.13 14.35 8.67
CA TYR A 333 23.92 13.56 9.62
C TYR A 333 25.11 12.85 8.97
N ASN A 334 25.95 13.64 8.31
CA ASN A 334 27.19 13.16 7.70
C ASN A 334 28.33 14.13 8.02
N LEU A 335 29.51 13.91 7.43
CA LEU A 335 30.68 14.75 7.70
C LEU A 335 31.14 15.51 6.46
N LEU A 336 30.21 16.24 5.84
CA LEU A 336 30.49 17.01 4.63
C LEU A 336 31.09 18.38 4.95
N GLU A 337 32.09 18.79 4.17
CA GLU A 337 32.79 20.06 4.41
C GLU A 337 32.68 20.98 3.20
N ASP A 338 33.35 20.62 2.10
CA ASP A 338 33.33 21.41 0.87
C ASP A 338 32.23 20.89 -0.07
N LEU A 339 31.67 21.78 -0.86
CA LEU A 339 30.52 21.45 -1.71
C LEU A 339 30.79 21.72 -3.19
N PRO A 340 30.28 20.84 -4.08
CA PRO A 340 30.40 21.05 -5.52
C PRO A 340 29.39 22.08 -6.05
N SER A 341 29.32 22.23 -7.37
CA SER A 341 28.46 23.22 -8.00
C SER A 341 26.96 23.00 -7.75
N PHE A 342 26.53 21.75 -7.85
CA PHE A 342 25.10 21.38 -7.75
C PHE A 342 24.21 21.96 -8.86
N SER A 343 24.78 22.74 -9.77
CA SER A 343 23.99 23.45 -10.78
C SER A 343 23.54 22.53 -11.92
N VAL A 344 24.30 21.46 -12.15
CA VAL A 344 23.94 20.48 -13.19
C VAL A 344 22.78 19.61 -12.70
N CYS A 345 22.67 19.42 -11.39
CA CYS A 345 21.51 18.75 -10.79
C CYS A 345 20.27 19.65 -10.86
N GLN A 346 19.71 19.79 -12.06
CA GLN A 346 18.47 20.53 -12.23
C GLN A 346 17.28 19.59 -11.99
N LYS A 347 16.09 20.18 -11.88
CA LYS A 347 14.88 19.46 -11.45
C LYS A 347 14.92 19.12 -9.96
N LEU A 348 15.87 19.72 -9.22
CA LEU A 348 15.97 19.51 -7.78
C LEU A 348 14.90 20.33 -7.07
N GLN A 349 14.22 19.70 -6.11
CA GLN A 349 13.09 20.31 -5.40
C GLN A 349 13.32 20.44 -3.90
N LYS A 350 13.91 19.41 -3.27
CA LYS A 350 14.18 19.41 -1.84
C LYS A 350 15.64 19.10 -1.57
N ILE A 351 16.22 19.79 -0.58
CA ILE A 351 17.57 19.50 -0.10
C ILE A 351 17.58 19.52 1.43
N ASP A 352 18.25 18.54 2.02
CA ASP A 352 18.35 18.42 3.48
C ASP A 352 19.79 18.03 3.87
N LEU A 353 20.59 19.03 4.22
CA LEU A 353 21.98 18.83 4.59
C LEU A 353 22.23 19.21 6.05
N ARG A 354 21.29 18.87 6.93
CA ARG A 354 21.41 19.21 8.35
C ARG A 354 22.36 18.28 9.09
N HIS A 355 22.97 18.79 10.15
CA HIS A 355 23.95 18.05 10.96
C HIS A 355 25.17 17.58 10.15
N ASN A 356 25.65 18.45 9.26
CA ASN A 356 26.91 18.25 8.56
C ASN A 356 27.98 19.19 9.14
N GLU A 357 29.18 19.16 8.59
CA GLU A 357 30.27 20.01 9.06
C GLU A 357 30.65 21.06 8.02
N ILE A 358 29.64 21.74 7.47
CA ILE A 358 29.83 22.71 6.40
C ILE A 358 30.18 24.07 7.01
N TYR A 359 31.19 24.73 6.44
CA TYR A 359 31.72 25.99 7.00
C TYR A 359 31.44 27.23 6.15
N GLU A 360 31.17 27.06 4.86
CA GLU A 360 30.98 28.19 3.95
C GLU A 360 30.02 27.85 2.81
N ILE A 361 29.20 28.83 2.43
CA ILE A 361 28.31 28.72 1.27
C ILE A 361 28.79 29.69 0.21
N LYS A 362 29.31 29.15 -0.90
CA LYS A 362 29.89 29.94 -1.98
C LYS A 362 28.80 30.52 -2.90
N VAL A 363 29.20 31.06 -4.04
CA VAL A 363 28.27 31.68 -4.98
C VAL A 363 27.65 30.60 -5.88
N ASP A 364 28.52 29.86 -6.56
CA ASP A 364 28.09 28.87 -7.57
C ASP A 364 27.44 27.60 -7.00
N THR A 365 27.62 27.36 -5.70
CA THR A 365 27.12 26.13 -5.07
C THR A 365 25.59 25.94 -5.09
N PHE A 366 24.84 27.01 -5.32
CA PHE A 366 23.39 26.93 -5.46
C PHE A 366 22.88 27.89 -6.55
N GLN A 367 23.44 27.77 -7.74
CA GLN A 367 23.02 28.60 -8.89
C GLN A 367 22.17 27.81 -9.87
N GLN A 368 21.13 28.47 -10.38
CA GLN A 368 20.22 27.88 -11.38
C GLN A 368 19.57 26.58 -10.91
N LEU A 369 18.97 26.63 -9.73
CA LEU A 369 18.11 25.57 -9.22
C LEU A 369 16.70 26.13 -9.13
N LEU A 370 16.05 26.21 -10.29
CA LEU A 370 14.78 26.93 -10.43
C LEU A 370 13.59 26.23 -9.76
N SER A 371 13.67 24.90 -9.62
CA SER A 371 12.59 24.13 -9.01
C SER A 371 12.79 23.90 -7.50
N LEU A 372 13.93 24.33 -6.97
CA LEU A 372 14.27 24.09 -5.57
C LEU A 372 13.36 24.85 -4.62
N ARG A 373 12.61 24.12 -3.80
CA ARG A 373 11.64 24.69 -2.86
C ARG A 373 12.19 24.73 -1.44
N SER A 374 12.63 23.58 -0.94
CA SER A 374 13.10 23.45 0.44
C SER A 374 14.62 23.29 0.51
N LEU A 375 15.23 23.91 1.52
CA LEU A 375 16.67 23.80 1.77
C LEU A 375 16.96 23.87 3.26
N ASN A 376 17.38 22.76 3.84
CA ASN A 376 17.71 22.68 5.26
C ASN A 376 19.23 22.60 5.46
N LEU A 377 19.79 23.63 6.08
CA LEU A 377 21.23 23.68 6.39
C LEU A 377 21.43 23.87 7.89
N ALA A 378 20.59 23.22 8.70
CA ALA A 378 20.62 23.37 10.15
C ALA A 378 21.75 22.57 10.78
N TRP A 379 22.22 23.04 11.94
CA TRP A 379 23.29 22.38 12.70
C TRP A 379 24.58 22.15 11.91
N ASN A 380 24.92 23.11 11.06
CA ASN A 380 26.22 23.17 10.39
C ASN A 380 27.08 24.21 11.09
N LYS A 381 28.31 24.42 10.62
CA LYS A 381 29.19 25.43 11.19
C LYS A 381 29.42 26.56 10.17
N ILE A 382 28.36 27.00 9.52
CA ILE A 382 28.44 27.96 8.42
C ILE A 382 28.77 29.35 8.94
N ALA A 383 30.04 29.74 8.80
CA ALA A 383 30.53 31.02 9.32
C ALA A 383 30.05 32.23 8.50
N ILE A 384 30.05 32.09 7.18
CA ILE A 384 29.74 33.20 6.29
C ILE A 384 29.08 32.71 4.99
N ILE A 385 28.10 33.46 4.50
CA ILE A 385 27.42 33.18 3.24
C ILE A 385 27.62 34.34 2.27
N HIS A 386 27.89 34.02 1.01
CA HIS A 386 28.04 35.02 -0.04
C HIS A 386 26.67 35.62 -0.37
N PRO A 387 26.59 36.96 -0.52
CA PRO A 387 25.29 37.63 -0.68
C PRO A 387 24.40 37.06 -1.80
N ASN A 388 24.99 36.88 -2.98
CA ASN A 388 24.26 36.33 -4.14
C ASN A 388 24.25 34.80 -4.23
N ALA A 389 24.45 34.12 -3.10
CA ALA A 389 24.38 32.66 -3.06
C ALA A 389 22.94 32.17 -3.24
N PHE A 390 21.99 32.91 -2.67
CA PHE A 390 20.57 32.59 -2.82
C PHE A 390 19.87 33.56 -3.76
N SER A 391 20.58 34.00 -4.81
CA SER A 391 20.06 35.00 -5.73
C SER A 391 19.11 34.41 -6.77
N THR A 392 19.51 33.27 -7.35
CA THR A 392 18.78 32.65 -8.46
C THR A 392 17.97 31.43 -8.00
N LEU A 393 17.16 31.61 -6.96
CA LEU A 393 16.26 30.56 -6.48
C LEU A 393 14.84 31.14 -6.33
N PRO A 394 14.10 31.22 -7.46
CA PRO A 394 12.77 31.83 -7.45
C PRO A 394 11.69 31.01 -6.74
N SER A 395 11.78 29.68 -6.86
CA SER A 395 10.79 28.79 -6.23
C SER A 395 11.12 28.46 -4.77
N LEU A 396 12.20 29.03 -4.25
CA LEU A 396 12.61 28.78 -2.87
C LEU A 396 11.56 29.33 -1.90
N ILE A 397 11.03 28.46 -1.05
CA ILE A 397 10.03 28.86 -0.05
C ILE A 397 10.42 28.48 1.39
N LYS A 398 10.99 27.29 1.59
CA LYS A 398 11.39 26.84 2.92
C LYS A 398 12.90 26.92 3.09
N LEU A 399 13.34 27.51 4.20
CA LEU A 399 14.76 27.65 4.51
C LEU A 399 14.97 27.43 6.01
N ASP A 400 16.02 26.69 6.35
CA ASP A 400 16.37 26.40 7.74
C ASP A 400 17.87 26.55 7.94
N LEU A 401 18.25 27.58 8.69
CA LEU A 401 19.66 27.86 8.99
C LEU A 401 19.88 27.87 10.51
N SER A 402 19.28 26.91 11.20
CA SER A 402 19.31 26.87 12.66
C SER A 402 20.66 26.36 13.19
N SER A 403 21.20 27.06 14.18
CA SER A 403 22.47 26.69 14.83
C SER A 403 23.63 26.63 13.83
N ASN A 404 23.89 27.76 13.18
CA ASN A 404 24.94 27.86 12.15
C ASN A 404 26.09 28.81 12.49
N LEU A 405 25.99 29.53 13.61
CA LEU A 405 27.01 30.50 14.03
C LEU A 405 27.15 31.69 13.07
N LEU A 406 26.03 32.08 12.44
CA LEU A 406 26.02 33.19 11.48
C LEU A 406 25.99 34.54 12.19
N SER A 407 26.76 35.49 11.65
CA SER A 407 26.84 36.86 12.20
C SER A 407 25.98 37.83 11.40
N SER A 408 26.16 37.83 10.08
CA SER A 408 25.38 38.69 9.17
C SER A 408 24.43 37.85 8.32
N PHE A 409 23.51 38.53 7.63
CA PHE A 409 22.51 37.86 6.82
C PHE A 409 22.49 38.39 5.38
N PRO A 410 22.39 37.49 4.38
CA PRO A 410 22.24 37.90 2.99
C PRO A 410 20.78 37.97 2.56
N ILE A 411 20.28 39.18 2.32
CA ILE A 411 18.88 39.40 1.91
C ILE A 411 18.67 39.19 0.41
N THR A 412 19.71 39.47 -0.39
CA THR A 412 19.61 39.42 -1.86
C THR A 412 18.98 38.12 -2.36
N GLY A 413 18.01 38.26 -3.26
CA GLY A 413 17.23 37.12 -3.74
C GLY A 413 16.25 36.64 -2.68
N LEU A 414 15.97 35.34 -2.69
CA LEU A 414 15.11 34.69 -1.69
C LEU A 414 13.85 35.47 -1.28
N HIS A 415 13.32 36.26 -2.21
CA HIS A 415 12.18 37.14 -1.94
C HIS A 415 10.88 36.35 -1.82
N GLY A 416 10.08 36.68 -0.81
CA GLY A 416 8.76 36.09 -0.63
C GLY A 416 8.75 34.60 -0.35
N LEU A 417 9.64 34.16 0.54
CA LEU A 417 9.69 32.75 0.95
C LEU A 417 8.80 32.53 2.17
N THR A 418 8.31 31.31 2.35
CA THR A 418 7.29 31.01 3.36
C THR A 418 7.84 30.66 4.76
N HIS A 419 8.88 29.83 4.81
CA HIS A 419 9.43 29.35 6.08
C HIS A 419 10.88 29.80 6.27
N LEU A 420 11.21 30.29 7.46
CA LEU A 420 12.57 30.69 7.80
C LEU A 420 12.89 30.35 9.25
N LYS A 421 13.98 29.61 9.47
CA LYS A 421 14.41 29.22 10.80
C LYS A 421 15.86 29.62 11.05
N LEU A 422 16.07 30.51 12.04
CA LEU A 422 17.41 31.04 12.34
C LEU A 422 17.82 30.87 13.81
N THR A 423 17.10 30.04 14.57
CA THR A 423 17.41 29.84 15.99
C THR A 423 18.74 29.11 16.18
N GLY A 424 19.60 29.67 17.03
CA GLY A 424 20.94 29.13 17.26
C GLY A 424 22.04 30.06 16.77
N ASN A 425 21.74 30.84 15.74
CA ASN A 425 22.66 31.86 15.25
C ASN A 425 22.73 33.02 16.24
N HIS A 426 23.62 32.89 17.22
CA HIS A 426 23.71 33.84 18.33
C HIS A 426 24.38 35.16 17.94
N ALA A 427 25.23 35.11 16.92
CA ALA A 427 25.87 36.33 16.39
C ALA A 427 24.91 37.12 15.48
N LEU A 428 23.85 36.46 15.00
CA LEU A 428 22.83 37.13 14.20
C LEU A 428 21.93 37.96 15.12
N GLN A 429 22.34 39.22 15.34
CA GLN A 429 21.67 40.11 16.28
C GLN A 429 20.84 41.22 15.62
N SER A 430 21.09 41.48 14.34
CA SER A 430 20.37 42.55 13.62
C SER A 430 18.93 42.18 13.33
N LEU A 431 18.05 43.19 13.29
CA LEU A 431 16.62 42.98 13.06
C LEU A 431 16.34 42.74 11.58
N ILE A 432 15.17 42.15 11.31
CA ILE A 432 14.73 41.86 9.95
C ILE A 432 13.36 42.52 9.72
N SER A 433 13.22 43.20 8.58
CA SER A 433 12.00 43.93 8.26
C SER A 433 10.87 43.01 7.81
N SER A 434 9.64 43.51 7.89
CA SER A 434 8.46 42.78 7.42
C SER A 434 8.46 42.69 5.90
N GLU A 435 8.70 43.82 5.24
CA GLU A 435 8.91 43.84 3.79
C GLU A 435 10.30 43.28 3.47
N ASN A 436 10.51 42.93 2.21
CA ASN A 436 11.60 42.05 1.77
C ASN A 436 11.35 40.59 2.17
N PHE A 437 10.19 40.33 2.77
CA PHE A 437 9.82 39.00 3.24
C PHE A 437 8.30 38.89 3.38
N PRO A 438 7.55 39.05 2.27
CA PRO A 438 6.11 38.78 2.32
C PRO A 438 5.82 37.29 2.38
N GLU A 439 4.60 36.95 2.80
CA GLU A 439 4.12 35.56 2.83
C GLU A 439 4.86 34.65 3.84
N LEU A 440 5.51 35.25 4.85
CA LEU A 440 6.15 34.46 5.92
C LEU A 440 5.07 33.90 6.84
N LYS A 441 4.94 32.57 6.87
CA LYS A 441 3.92 31.90 7.68
C LYS A 441 4.48 31.23 8.95
N VAL A 442 5.68 30.69 8.87
CA VAL A 442 6.34 30.06 10.01
C VAL A 442 7.76 30.60 10.16
N ILE A 443 8.07 31.16 11.34
CA ILE A 443 9.38 31.75 11.60
C ILE A 443 9.96 31.23 12.92
N GLU A 444 11.28 31.01 12.92
CA GLU A 444 12.03 30.76 14.14
C GLU A 444 13.15 31.79 14.21
N MET A 445 13.33 32.41 15.36
CA MET A 445 14.27 33.52 15.50
C MET A 445 15.08 33.38 16.80
N PRO A 446 16.41 33.62 16.74
CA PRO A 446 17.26 33.39 17.91
C PRO A 446 17.01 34.34 19.08
N TYR A 447 16.47 35.53 18.80
CA TYR A 447 16.13 36.51 19.84
C TYR A 447 14.67 36.93 19.73
N ALA A 448 14.06 37.22 20.89
CA ALA A 448 12.63 37.55 20.95
C ALA A 448 12.32 38.95 20.41
N TYR A 449 13.28 39.87 20.54
CA TYR A 449 13.10 41.24 20.01
C TYR A 449 13.03 41.28 18.48
N GLN A 450 13.63 40.28 17.83
CA GLN A 450 13.56 40.15 16.38
C GLN A 450 12.19 39.67 15.91
N CYS A 451 11.53 38.83 16.70
CA CYS A 451 10.15 38.43 16.43
C CYS A 451 9.17 39.59 16.59
N CYS A 452 9.49 40.51 17.50
CA CYS A 452 8.66 41.70 17.73
C CYS A 452 8.62 42.65 16.54
N ALA A 453 9.65 42.61 15.70
CA ALA A 453 9.70 43.40 14.47
C ALA A 453 8.59 43.01 13.48
N PHE A 454 8.23 41.73 13.46
CA PHE A 454 7.19 41.22 12.55
C PHE A 454 5.77 41.39 13.08
N GLY A 455 5.62 41.79 14.35
CA GLY A 455 4.32 42.10 14.93
C GLY A 455 3.85 41.19 16.06
N VAL A 456 4.67 40.19 16.41
CA VAL A 456 4.33 39.24 17.48
C VAL A 456 4.97 39.70 18.79
N CYS A 457 4.14 39.95 19.80
CA CYS A 457 4.61 40.45 21.10
C CYS A 457 5.68 39.56 21.72
N VAL A 467 0.64 33.74 10.84
CA VAL A 467 2.05 34.08 11.06
C VAL A 467 2.44 33.79 12.51
N GLN A 468 3.59 33.14 12.69
CA GLN A 468 4.05 32.73 14.03
C GLN A 468 5.57 32.85 14.15
N CYS A 469 6.03 33.18 15.35
CA CYS A 469 7.45 33.38 15.62
C CYS A 469 7.82 32.86 17.02
N SER A 470 8.85 32.02 17.09
CA SER A 470 9.31 31.45 18.35
C SER A 470 10.65 32.05 18.76
N PRO A 471 10.79 32.48 20.03
CA PRO A 471 12.07 33.01 20.50
C PRO A 471 12.99 31.91 21.03
N ILE B 4 -28.07 -8.33 7.38
CA ILE B 4 -27.35 -9.61 7.66
C ILE B 4 -25.83 -9.42 7.55
N CYS B 5 -25.26 -8.69 8.52
CA CYS B 5 -23.82 -8.47 8.57
C CYS B 5 -23.14 -9.76 9.05
N LYS B 6 -22.71 -10.58 8.10
CA LYS B 6 -22.20 -11.91 8.40
C LYS B 6 -20.67 -11.95 8.45
N GLY B 7 -20.15 -12.79 9.35
CA GLY B 7 -18.71 -13.01 9.46
C GLY B 7 -17.95 -11.97 10.27
N CYS B 8 -18.65 -11.07 10.94
CA CYS B 8 -18.00 -10.04 11.76
C CYS B 8 -18.17 -10.30 13.25
N LEU B 9 -17.06 -10.21 13.97
CA LEU B 9 -17.03 -10.33 15.42
C LEU B 9 -17.77 -9.15 16.07
N SER B 10 -17.55 -7.95 15.53
CA SER B 10 -18.26 -6.75 15.97
C SER B 10 -19.01 -6.14 14.77
N CYS B 11 -20.31 -5.92 14.93
CA CYS B 11 -21.14 -5.36 13.86
C CYS B 11 -21.91 -4.13 14.33
N SER B 12 -22.34 -3.33 13.36
CA SER B 12 -23.18 -2.17 13.62
C SER B 12 -23.94 -1.78 12.36
N LYS B 13 -25.13 -1.21 12.56
CA LYS B 13 -26.01 -0.80 11.47
C LYS B 13 -25.42 0.36 10.64
N ASP B 14 -24.60 1.19 11.30
CA ASP B 14 -24.03 2.39 10.67
C ASP B 14 -22.70 2.14 9.96
N ASN B 15 -21.87 1.26 10.51
CA ASN B 15 -20.57 0.93 9.90
C ASN B 15 -20.49 -0.50 9.32
N GLY B 16 -21.57 -1.26 9.42
CA GLY B 16 -21.58 -2.64 8.95
C GLY B 16 -20.73 -3.54 9.82
N CYS B 17 -19.96 -4.41 9.18
CA CYS B 17 -19.01 -5.28 9.90
C CYS B 17 -17.79 -4.50 10.37
N SER B 18 -17.09 -5.04 11.37
CA SER B 18 -15.89 -4.40 11.92
C SER B 18 -15.08 -5.40 12.75
N ARG B 19 -13.76 -5.40 12.58
CA ARG B 19 -12.87 -6.33 13.27
C ARG B 19 -13.29 -7.78 13.02
N CYS B 20 -12.85 -8.33 11.89
CA CYS B 20 -13.41 -9.59 11.38
C CYS B 20 -13.16 -10.82 12.24
N GLN B 21 -13.95 -11.85 11.98
CA GLN B 21 -13.98 -13.07 12.80
C GLN B 21 -12.97 -14.11 12.32
N GLN B 22 -12.21 -14.66 13.26
CA GLN B 22 -11.25 -15.74 12.99
C GLN B 22 -10.14 -15.35 12.00
N LYS B 23 -10.32 -15.72 10.73
CA LYS B 23 -9.31 -15.49 9.69
C LYS B 23 -9.97 -14.95 8.41
N LEU B 24 -10.86 -13.98 8.60
CA LEU B 24 -11.60 -13.36 7.50
C LEU B 24 -10.92 -12.06 7.05
N PHE B 25 -10.97 -11.80 5.74
CA PHE B 25 -10.41 -10.57 5.17
C PHE B 25 -11.37 -9.41 5.39
N PHE B 26 -10.85 -8.29 5.90
CA PHE B 26 -11.63 -7.07 6.09
C PHE B 26 -11.60 -6.24 4.81
N PHE B 27 -12.76 -5.74 4.39
CA PHE B 27 -12.90 -5.03 3.11
C PHE B 27 -13.90 -3.87 3.22
N LEU B 28 -13.45 -2.67 2.83
CA LEU B 28 -14.30 -1.49 2.80
C LEU B 28 -15.04 -1.39 1.47
N ARG B 29 -16.35 -1.61 1.52
CA ARG B 29 -17.21 -1.49 0.33
C ARG B 29 -17.90 -0.12 0.33
N ARG B 30 -18.10 0.44 -0.86
CA ARG B 30 -18.73 1.74 -1.02
C ARG B 30 -19.90 1.69 -2.00
N GLU B 31 -20.98 2.37 -1.64
CA GLU B 31 -22.14 2.53 -2.53
C GLU B 31 -22.65 3.96 -2.43
N GLY B 32 -22.17 4.81 -3.33
CA GLY B 32 -22.49 6.24 -3.33
C GLY B 32 -21.70 6.97 -2.27
N MET B 33 -22.40 7.52 -1.28
CA MET B 33 -21.77 8.21 -0.15
C MET B 33 -21.45 7.25 1.01
N ARG B 34 -22.28 6.22 1.16
CA ARG B 34 -22.15 5.28 2.27
C ARG B 34 -20.94 4.35 2.12
N GLN B 35 -20.28 4.07 3.24
CA GLN B 35 -19.20 3.10 3.31
C GLN B 35 -19.39 2.22 4.55
N TYR B 36 -19.12 0.93 4.40
CA TYR B 36 -19.25 -0.02 5.50
C TYR B 36 -18.30 -1.20 5.33
N GLY B 37 -17.93 -1.81 6.45
CA GLY B 37 -17.00 -2.94 6.44
C GLY B 37 -17.67 -4.25 6.02
N GLU B 38 -16.86 -5.17 5.50
CA GLU B 38 -17.32 -6.51 5.13
C GLU B 38 -16.25 -7.54 5.48
N CYS B 39 -16.69 -8.70 5.96
CA CYS B 39 -15.78 -9.77 6.36
C CYS B 39 -15.97 -11.00 5.47
N LEU B 40 -15.03 -11.21 4.55
CA LEU B 40 -15.12 -12.28 3.55
C LEU B 40 -13.79 -13.04 3.46
N HIS B 41 -13.84 -14.25 2.91
CA HIS B 41 -12.66 -15.11 2.79
C HIS B 41 -11.91 -14.93 1.47
N SER B 42 -12.64 -14.62 0.41
CA SER B 42 -12.05 -14.34 -0.89
C SER B 42 -12.44 -12.95 -1.35
N CYS B 43 -11.46 -12.18 -1.84
CA CYS B 43 -11.68 -10.80 -2.22
C CYS B 43 -12.55 -10.70 -3.47
N PRO B 44 -13.26 -9.55 -3.64
CA PRO B 44 -14.13 -9.42 -4.81
C PRO B 44 -13.36 -9.23 -6.12
N SER B 45 -14.05 -9.39 -7.24
CA SER B 45 -13.43 -9.24 -8.56
C SER B 45 -12.92 -7.82 -8.75
N GLY B 46 -11.62 -7.69 -9.04
CA GLY B 46 -10.96 -6.38 -9.13
C GLY B 46 -10.06 -6.09 -7.94
N TYR B 47 -9.96 -7.03 -7.01
CA TYR B 47 -9.13 -6.88 -5.81
C TYR B 47 -8.31 -8.15 -5.58
N TYR B 48 -7.29 -8.04 -4.74
CA TYR B 48 -6.45 -9.20 -4.36
C TYR B 48 -6.19 -9.22 -2.86
N GLY B 49 -6.10 -10.44 -2.31
CA GLY B 49 -5.94 -10.63 -0.87
C GLY B 49 -4.49 -10.57 -0.42
N HIS B 50 -4.17 -9.56 0.37
CA HIS B 50 -2.85 -9.41 0.98
C HIS B 50 -2.89 -9.90 2.42
N ARG B 51 -2.25 -11.05 2.68
CA ARG B 51 -2.24 -11.64 4.01
C ARG B 51 -1.09 -11.10 4.86
N ALA B 52 -1.40 -10.70 6.08
CA ALA B 52 -0.40 -10.32 7.09
C ALA B 52 -0.84 -10.90 8.44
N PRO B 53 0.10 -10.98 9.42
CA PRO B 53 -0.21 -11.58 10.71
C PRO B 53 -1.48 -11.08 11.39
N ASP B 54 -1.68 -9.76 11.39
CA ASP B 54 -2.83 -9.15 12.07
C ASP B 54 -3.65 -8.21 11.16
N MET B 55 -3.43 -8.29 9.85
CA MET B 55 -4.14 -7.43 8.91
C MET B 55 -4.23 -8.09 7.53
N ASN B 56 -5.38 -8.69 7.25
CA ASN B 56 -5.69 -9.25 5.93
C ASN B 56 -6.71 -8.36 5.24
N ARG B 57 -6.30 -7.69 4.17
CA ARG B 57 -7.19 -6.76 3.46
C ARG B 57 -7.18 -6.99 1.95
N CYS B 58 -8.22 -6.49 1.29
CA CYS B 58 -8.37 -6.60 -0.16
C CYS B 58 -7.99 -5.28 -0.82
N ALA B 59 -6.80 -5.23 -1.40
CA ALA B 59 -6.32 -4.07 -2.14
C ALA B 59 -6.72 -4.20 -3.60
N ARG B 60 -7.06 -3.07 -4.23
CA ARG B 60 -7.55 -3.08 -5.61
C ARG B 60 -6.43 -3.33 -6.62
N CYS B 61 -6.78 -4.01 -7.72
CA CYS B 61 -5.85 -4.24 -8.81
C CYS B 61 -5.76 -2.98 -9.66
N ARG B 62 -4.63 -2.28 -9.58
CA ARG B 62 -4.38 -1.14 -10.48
C ARG B 62 -3.48 -1.57 -11.64
N ILE B 63 -3.93 -2.60 -12.35
CA ILE B 63 -3.29 -3.05 -13.58
C ILE B 63 -4.27 -2.72 -14.70
N GLU B 64 -3.82 -1.93 -15.67
CA GLU B 64 -4.69 -1.51 -16.77
C GLU B 64 -5.24 -2.71 -17.55
N ASN B 65 -6.53 -2.63 -17.88
CA ASN B 65 -7.25 -3.70 -18.61
C ASN B 65 -7.38 -5.02 -17.83
N CYS B 66 -7.40 -4.94 -16.50
CA CYS B 66 -7.47 -6.13 -15.64
C CYS B 66 -8.75 -6.14 -14.80
N ASP B 67 -9.41 -7.30 -14.72
CA ASP B 67 -10.62 -7.49 -13.92
C ASP B 67 -10.38 -8.27 -12.63
N SER B 68 -9.34 -9.11 -12.60
CA SER B 68 -8.97 -9.87 -11.39
C SER B 68 -7.48 -10.16 -11.43
N CYS B 69 -6.82 -10.04 -10.28
CA CYS B 69 -5.35 -10.16 -10.22
C CYS B 69 -4.87 -11.00 -9.02
N PHE B 70 -3.70 -11.63 -9.20
CA PHE B 70 -3.06 -12.44 -8.17
C PHE B 70 -2.39 -11.51 -7.15
N SER B 71 -1.47 -10.68 -7.64
CA SER B 71 -0.71 -9.76 -6.81
C SER B 71 -0.87 -8.33 -7.35
N LYS B 72 -0.10 -7.40 -6.80
CA LYS B 72 -0.11 -6.00 -7.22
C LYS B 72 0.17 -5.84 -8.73
N ASP B 73 1.11 -6.64 -9.25
CA ASP B 73 1.51 -6.55 -10.65
C ASP B 73 1.48 -7.92 -11.36
N PHE B 74 0.34 -8.59 -11.30
CA PHE B 74 0.11 -9.82 -12.08
C PHE B 74 -1.39 -10.08 -12.23
N CYS B 75 -1.91 -9.86 -13.44
CA CYS B 75 -3.33 -10.03 -13.72
C CYS B 75 -3.70 -11.50 -13.89
N THR B 76 -4.93 -11.83 -13.51
CA THR B 76 -5.48 -13.18 -13.61
C THR B 76 -6.53 -13.27 -14.72
N LYS B 77 -7.36 -12.23 -14.84
CA LYS B 77 -8.42 -12.19 -15.84
C LYS B 77 -8.55 -10.78 -16.42
N CYS B 78 -8.36 -10.65 -17.73
CA CYS B 78 -8.46 -9.36 -18.42
C CYS B 78 -9.92 -9.00 -18.70
N LYS B 79 -10.13 -7.77 -19.16
CA LYS B 79 -11.46 -7.28 -19.53
C LYS B 79 -11.89 -7.83 -20.88
N VAL B 80 -13.13 -7.55 -21.26
CA VAL B 80 -13.66 -7.98 -22.57
C VAL B 80 -12.86 -7.37 -23.72
N GLY B 81 -12.46 -8.21 -24.67
CA GLY B 81 -11.67 -7.77 -25.82
C GLY B 81 -10.21 -7.50 -25.50
N PHE B 82 -9.64 -8.31 -24.60
CA PHE B 82 -8.22 -8.22 -24.25
C PHE B 82 -7.64 -9.62 -24.07
N TYR B 83 -6.44 -9.83 -24.61
CA TYR B 83 -5.76 -11.12 -24.53
C TYR B 83 -4.76 -11.17 -23.38
N LEU B 84 -4.80 -12.25 -22.61
CA LEU B 84 -3.90 -12.44 -21.47
C LEU B 84 -2.58 -13.06 -21.92
N HIS B 85 -1.48 -12.60 -21.33
CA HIS B 85 -0.16 -13.14 -21.61
C HIS B 85 0.84 -12.79 -20.51
N ARG B 86 1.27 -13.81 -19.75
CA ARG B 86 2.21 -13.64 -18.65
C ARG B 86 1.80 -12.56 -17.64
N GLY B 87 0.50 -12.50 -17.33
CA GLY B 87 -0.02 -11.54 -16.37
C GLY B 87 -0.28 -10.14 -16.90
N ARG B 88 0.03 -9.91 -18.17
CA ARG B 88 -0.23 -8.61 -18.81
C ARG B 88 -1.34 -8.76 -19.85
N CYS B 89 -2.20 -7.74 -19.93
CA CYS B 89 -3.34 -7.75 -20.84
C CYS B 89 -3.02 -6.92 -22.09
N PHE B 90 -3.20 -7.52 -23.26
CA PHE B 90 -2.86 -6.90 -24.53
C PHE B 90 -4.04 -6.91 -25.50
N ASP B 91 -3.95 -6.08 -26.54
CA ASP B 91 -4.92 -6.05 -27.63
C ASP B 91 -4.46 -6.95 -28.77
N GLU B 92 -3.18 -6.87 -29.10
CA GLU B 92 -2.57 -7.68 -30.15
C GLU B 92 -1.57 -8.64 -29.53
N CYS B 93 -1.68 -9.92 -29.87
CA CYS B 93 -0.81 -10.95 -29.29
C CYS B 93 0.62 -10.81 -29.85
N PRO B 94 1.62 -10.68 -28.95
CA PRO B 94 3.02 -10.51 -29.35
C PRO B 94 3.58 -11.62 -30.25
N ASP B 95 4.74 -11.35 -30.87
CA ASP B 95 5.38 -12.30 -31.77
C ASP B 95 5.87 -13.55 -31.04
N GLY B 96 5.91 -14.66 -31.77
CA GLY B 96 6.28 -15.95 -31.19
C GLY B 96 5.11 -16.92 -31.18
N PHE B 97 3.93 -16.42 -30.82
CA PHE B 97 2.71 -17.22 -30.78
C PHE B 97 1.49 -16.36 -31.11
N ALA B 98 0.52 -16.96 -31.79
CA ALA B 98 -0.65 -16.23 -32.28
C ALA B 98 -1.83 -16.31 -31.30
N PRO B 99 -2.88 -15.48 -31.50
CA PRO B 99 -4.06 -15.55 -30.63
C PRO B 99 -4.90 -16.81 -30.84
N LEU B 100 -5.77 -17.09 -29.87
CA LEU B 100 -6.75 -18.17 -29.96
C LEU B 100 -8.01 -17.71 -29.24
N ASP B 101 -9.06 -17.42 -30.01
CA ASP B 101 -10.21 -16.65 -29.52
C ASP B 101 -11.25 -17.46 -28.74
N GLU B 102 -10.99 -18.75 -28.50
CA GLU B 102 -11.88 -19.57 -27.68
C GLU B 102 -11.97 -19.06 -26.25
N THR B 103 -10.82 -18.72 -25.67
CA THR B 103 -10.74 -18.20 -24.30
C THR B 103 -10.16 -16.78 -24.22
N MET B 104 -9.86 -16.17 -25.37
CA MET B 104 -9.22 -14.85 -25.42
C MET B 104 -7.86 -14.87 -24.71
N GLU B 105 -6.97 -15.75 -25.17
CA GLU B 105 -5.62 -15.89 -24.60
C GLU B 105 -4.60 -16.17 -25.70
N CYS B 106 -3.34 -16.28 -25.32
CA CYS B 106 -2.25 -16.61 -26.24
C CYS B 106 -1.56 -17.89 -25.81
N LYS C 4 -17.86 26.27 19.60
CA LYS C 4 -18.23 27.61 20.16
C LYS C 4 -19.55 28.09 19.59
N GLU C 5 -19.65 28.14 18.26
CA GLU C 5 -20.84 28.60 17.57
C GLU C 5 -21.64 27.40 17.05
N THR C 6 -22.96 27.57 16.96
CA THR C 6 -23.85 26.52 16.48
C THR C 6 -23.72 26.33 14.97
N ALA C 7 -23.66 25.07 14.55
CA ALA C 7 -23.55 24.72 13.13
C ALA C 7 -24.89 24.25 12.59
N PHE C 8 -25.38 24.93 11.57
CA PHE C 8 -26.68 24.63 10.96
C PHE C 8 -26.50 23.75 9.73
N VAL C 9 -26.86 22.47 9.85
CA VAL C 9 -26.67 21.49 8.80
C VAL C 9 -27.95 21.30 7.98
N GLU C 10 -27.84 21.40 6.66
CA GLU C 10 -28.95 21.16 5.75
C GLU C 10 -28.64 19.96 4.83
N VAL C 11 -29.27 18.83 5.10
CA VAL C 11 -29.11 17.62 4.28
C VAL C 11 -30.13 17.68 3.14
N VAL C 12 -29.64 17.98 1.93
CA VAL C 12 -30.50 18.16 0.77
C VAL C 12 -30.52 16.91 -0.10
N LEU C 13 -31.69 16.25 -0.15
CA LEU C 13 -31.91 15.14 -1.06
C LEU C 13 -32.46 15.67 -2.37
N PHE C 14 -32.04 15.07 -3.49
CA PHE C 14 -32.45 15.54 -4.81
C PHE C 14 -32.81 14.39 -5.75
N GLU C 15 -33.48 14.73 -6.85
CA GLU C 15 -33.86 13.77 -7.88
C GLU C 15 -33.72 14.40 -9.27
N SER C 16 -32.87 13.80 -10.10
CA SER C 16 -32.66 14.28 -11.47
C SER C 16 -33.86 13.91 -12.34
N SER C 17 -34.66 14.90 -12.70
CA SER C 17 -35.83 14.68 -13.56
C SER C 17 -35.39 14.37 -14.99
N PRO C 18 -36.24 13.66 -15.75
CA PRO C 18 -35.89 13.28 -17.14
C PRO C 18 -35.60 14.46 -18.07
N SER C 19 -36.19 15.63 -17.80
CA SER C 19 -35.97 16.83 -18.61
C SER C 19 -34.56 17.41 -18.48
N GLY C 20 -33.86 17.06 -17.40
CA GLY C 20 -32.53 17.60 -17.11
C GLY C 20 -32.54 18.46 -15.86
N ASP C 21 -33.73 18.85 -15.41
CA ASP C 21 -33.89 19.67 -14.21
C ASP C 21 -33.79 18.80 -12.95
N TYR C 22 -33.82 19.46 -11.79
CA TYR C 22 -33.75 18.78 -10.50
C TYR C 22 -34.89 19.23 -9.58
N THR C 23 -35.23 18.35 -8.64
CA THR C 23 -36.18 18.67 -7.58
C THR C 23 -35.56 18.23 -6.25
N THR C 24 -35.73 19.04 -5.21
CA THR C 24 -35.01 18.81 -3.95
C THR C 24 -35.93 18.69 -2.73
N HIS C 25 -35.35 18.21 -1.63
CA HIS C 25 -36.06 18.09 -0.35
C HIS C 25 -35.07 18.32 0.79
N THR C 26 -35.26 19.43 1.51
CA THR C 26 -34.34 19.86 2.56
C THR C 26 -34.69 19.25 3.91
N THR C 27 -33.66 18.90 4.67
CA THR C 27 -33.81 18.42 6.06
C THR C 27 -32.93 19.28 6.97
N GLY C 28 -33.42 19.56 8.17
CA GLY C 28 -32.74 20.45 9.10
C GLY C 28 -32.16 19.74 10.31
N LEU C 29 -30.89 20.00 10.60
CA LEU C 29 -30.20 19.44 11.77
C LEU C 29 -29.37 20.52 12.47
N THR C 30 -28.78 20.16 13.62
CA THR C 30 -27.95 21.09 14.38
C THR C 30 -26.78 20.37 15.08
N GLY C 31 -25.60 20.97 14.98
CA GLY C 31 -24.41 20.51 15.68
C GLY C 31 -23.64 21.69 16.24
N ARG C 32 -22.32 21.57 16.32
CA ARG C 32 -21.46 22.67 16.76
C ARG C 32 -20.05 22.57 16.18
N PHE C 33 -19.47 23.72 15.87
CA PHE C 33 -18.11 23.80 15.33
C PHE C 33 -17.09 23.58 16.42
N SER C 34 -16.21 22.60 16.23
CA SER C 34 -15.06 22.42 17.11
C SER C 34 -13.98 23.40 16.70
N ARG C 35 -13.21 23.90 17.67
CA ARG C 35 -12.10 24.82 17.38
C ARG C 35 -10.85 24.06 16.89
N ALA C 36 -10.98 22.75 16.71
CA ALA C 36 -9.99 21.96 15.95
C ALA C 36 -9.93 22.44 14.50
N GLY C 37 -11.09 22.82 13.95
CA GLY C 37 -11.18 23.35 12.60
C GLY C 37 -11.59 24.82 12.58
N ALA C 38 -11.75 25.36 11.38
CA ALA C 38 -12.12 26.77 11.19
C ALA C 38 -13.60 27.00 11.49
N MET C 39 -13.95 28.26 11.70
CA MET C 39 -15.33 28.66 11.98
C MET C 39 -15.95 29.21 10.70
N LEU C 40 -16.01 28.35 9.67
CA LEU C 40 -16.46 28.75 8.34
C LEU C 40 -17.61 27.88 7.85
N SER C 41 -18.42 28.45 6.95
CA SER C 41 -19.48 27.70 6.28
C SER C 41 -18.87 26.80 5.20
N ALA C 42 -19.54 25.70 4.91
CA ALA C 42 -19.07 24.75 3.91
C ALA C 42 -20.22 23.99 3.24
N GLU C 43 -19.93 23.40 2.09
CA GLU C 43 -20.93 22.67 1.31
C GLU C 43 -20.24 21.71 0.34
N GLY C 44 -20.85 20.54 0.14
CA GLY C 44 -20.30 19.55 -0.78
C GLY C 44 -20.97 18.19 -0.76
N GLU C 45 -20.57 17.35 -1.70
CA GLU C 45 -21.03 15.96 -1.77
C GLU C 45 -20.65 15.21 -0.50
N ILE C 46 -21.61 14.51 0.10
CA ILE C 46 -21.36 13.72 1.31
C ILE C 46 -20.60 12.44 0.96
N VAL C 47 -19.65 12.07 1.82
CA VAL C 47 -18.92 10.82 1.69
C VAL C 47 -18.64 10.27 3.09
N GLN C 48 -19.35 9.21 3.47
CA GLN C 48 -19.12 8.53 4.74
C GLN C 48 -17.77 7.81 4.68
N MET C 49 -16.98 7.95 5.74
CA MET C 49 -15.68 7.30 5.83
C MET C 49 -15.61 6.43 7.09
N HIS C 50 -15.19 5.18 6.91
CA HIS C 50 -15.00 4.25 8.02
C HIS C 50 -13.75 4.68 8.80
N PRO C 51 -13.79 4.65 10.14
CA PRO C 51 -12.67 5.10 10.96
C PRO C 51 -11.31 4.49 10.57
N LEU C 52 -11.29 3.19 10.34
CA LEU C 52 -10.08 2.48 9.94
C LEU C 52 -9.50 2.96 8.60
N GLY C 53 -10.36 3.49 7.73
CA GLY C 53 -9.94 4.04 6.44
C GLY C 53 -9.02 5.25 6.52
N LEU C 54 -9.11 6.00 7.62
CA LEU C 54 -8.28 7.19 7.81
C LEU C 54 -7.01 6.87 8.60
N CYS C 55 -6.07 6.18 7.94
CA CYS C 55 -4.77 5.88 8.52
C CYS C 55 -3.67 6.05 7.48
N ASN C 56 -2.56 6.66 7.89
CA ASN C 56 -1.38 6.80 7.03
C ASN C 56 -0.62 5.47 6.91
N ASN C 57 -0.93 4.52 7.80
CA ASN C 57 -0.35 3.18 7.75
C ASN C 57 -0.49 2.52 6.38
N ASN C 58 -1.65 2.67 5.75
CA ASN C 58 -1.87 2.21 4.39
C ASN C 58 -1.02 3.06 3.43
N ASP C 59 -0.21 2.39 2.62
CA ASP C 59 0.75 3.08 1.75
C ASP C 59 0.04 3.88 0.66
N GLU C 60 -0.99 3.29 0.06
CA GLU C 60 -1.85 3.98 -0.89
C GLU C 60 -3.31 3.57 -0.72
N GLU C 61 -4.21 4.53 -0.87
CA GLU C 61 -5.63 4.34 -0.62
C GLU C 61 -6.45 4.77 -1.83
N ASP C 62 -7.77 4.65 -1.74
CA ASP C 62 -8.68 5.06 -2.81
C ASP C 62 -8.74 6.59 -2.92
N LEU C 63 -8.83 7.08 -4.15
CA LEU C 63 -8.95 8.51 -4.41
C LEU C 63 -10.42 8.93 -4.35
N TYR C 64 -10.66 10.16 -3.90
CA TYR C 64 -12.00 10.72 -3.84
C TYR C 64 -12.03 12.08 -4.53
N GLU C 65 -13.16 12.40 -5.15
CA GLU C 65 -13.34 13.70 -5.83
C GLU C 65 -13.30 14.83 -4.81
N TYR C 66 -12.39 15.78 -5.02
CA TYR C 66 -12.15 16.85 -4.06
C TYR C 66 -13.43 17.62 -3.71
N GLY C 67 -13.56 18.00 -2.44
CA GLY C 67 -14.71 18.74 -1.95
C GLY C 67 -15.80 17.84 -1.41
N TRP C 68 -15.40 16.82 -0.63
CA TRP C 68 -16.36 15.88 -0.05
C TRP C 68 -16.55 16.13 1.45
N VAL C 69 -17.81 16.28 1.87
CA VAL C 69 -18.12 16.49 3.28
C VAL C 69 -18.05 15.15 4.00
N GLY C 70 -17.02 14.98 4.82
CA GLY C 70 -16.77 13.72 5.53
C GLY C 70 -17.76 13.46 6.66
N VAL C 71 -18.20 12.22 6.76
CA VAL C 71 -19.09 11.78 7.84
C VAL C 71 -18.47 10.55 8.49
N VAL C 72 -18.22 10.62 9.80
CA VAL C 72 -17.52 9.55 10.51
C VAL C 72 -18.25 9.18 11.81
N LYS C 73 -18.67 7.92 11.90
CA LYS C 73 -19.26 7.38 13.13
C LYS C 73 -18.14 6.87 14.04
N LEU C 74 -17.99 7.50 15.20
CA LEU C 74 -17.00 7.04 16.19
C LEU C 74 -17.52 5.82 16.93
N GLU C 75 -16.60 5.00 17.42
CA GLU C 75 -16.94 3.78 18.16
C GLU C 75 -16.77 4.00 19.66
N GLN C 76 -17.11 2.97 20.45
CA GLN C 76 -16.97 3.01 21.90
C GLN C 76 -15.47 3.09 22.24
N PRO C 77 -15.07 4.02 23.14
CA PRO C 77 -13.67 4.27 23.47
C PRO C 77 -12.80 3.03 23.71
N GLU C 78 -13.32 2.08 24.49
CA GLU C 78 -12.54 0.92 24.93
C GLU C 78 -12.35 -0.17 23.87
N LEU C 79 -12.98 -0.02 22.70
CA LEU C 79 -12.88 -1.02 21.64
C LEU C 79 -11.59 -0.88 20.84
N ASP C 80 -11.15 0.36 20.63
CA ASP C 80 -9.87 0.65 19.99
C ASP C 80 -8.94 1.30 21.03
N PRO C 81 -7.92 0.55 21.51
CA PRO C 81 -7.03 1.11 22.55
C PRO C 81 -6.15 2.24 22.01
N LYS C 82 -5.43 1.96 20.94
CA LYS C 82 -4.60 2.95 20.27
C LYS C 82 -4.93 2.97 18.78
N PRO C 83 -5.42 4.12 18.27
CA PRO C 83 -5.68 4.22 16.84
C PRO C 83 -4.39 4.50 16.07
N CYS C 84 -4.47 4.44 14.74
CA CYS C 84 -3.37 4.87 13.89
C CYS C 84 -3.09 6.35 14.11
N LEU C 85 -4.16 7.13 14.16
CA LEU C 85 -4.11 8.56 14.47
C LEU C 85 -5.28 8.94 15.36
N THR C 86 -5.09 9.95 16.21
CA THR C 86 -6.16 10.45 17.08
C THR C 86 -7.27 11.10 16.26
N VAL C 87 -8.39 11.39 16.92
CA VAL C 87 -9.52 12.08 16.27
C VAL C 87 -9.08 13.36 15.56
N LEU C 88 -8.10 14.05 16.12
CA LEU C 88 -7.46 15.19 15.46
C LEU C 88 -6.77 14.78 14.18
N GLY C 89 -5.93 13.75 14.27
CA GLY C 89 -5.17 13.25 13.13
C GLY C 89 -6.01 12.71 11.99
N LYS C 90 -7.12 12.05 12.31
CA LYS C 90 -8.03 11.51 11.30
C LYS C 90 -8.72 12.61 10.48
N ALA C 91 -9.04 13.73 11.15
CA ALA C 91 -9.57 14.91 10.46
C ALA C 91 -8.51 15.50 9.54
N LYS C 92 -7.26 15.48 10.00
CA LYS C 92 -6.11 15.93 9.21
C LYS C 92 -5.96 15.08 7.95
N ARG C 93 -6.15 13.77 8.08
CA ARG C 93 -6.12 12.86 6.93
C ARG C 93 -7.26 13.16 5.96
N ALA C 94 -8.46 13.39 6.50
CA ALA C 94 -9.64 13.68 5.69
C ALA C 94 -9.45 14.93 4.83
N VAL C 95 -9.01 16.01 5.46
CA VAL C 95 -8.75 17.27 4.75
C VAL C 95 -7.63 17.11 3.72
N GLN C 96 -6.62 16.32 4.07
CA GLN C 96 -5.55 15.96 3.13
C GLN C 96 -6.10 15.16 1.95
N ARG C 97 -7.00 14.22 2.22
CA ARG C 97 -7.61 13.39 1.17
C ARG C 97 -8.74 14.08 0.39
N GLY C 98 -8.95 15.37 0.64
CA GLY C 98 -9.87 16.19 -0.17
C GLY C 98 -11.18 16.56 0.50
N ALA C 99 -11.24 16.48 1.83
CA ALA C 99 -12.47 16.79 2.56
C ALA C 99 -12.65 18.29 2.74
N THR C 100 -13.77 18.82 2.26
CA THR C 100 -14.13 20.22 2.48
C THR C 100 -14.63 20.46 3.92
N ALA C 101 -15.08 19.40 4.57
CA ALA C 101 -15.49 19.47 5.98
C ALA C 101 -15.58 18.06 6.56
N VAL C 102 -15.51 17.97 7.89
CA VAL C 102 -15.59 16.68 8.59
C VAL C 102 -16.66 16.77 9.68
N ILE C 103 -17.54 15.77 9.72
CA ILE C 103 -18.62 15.71 10.69
C ILE C 103 -18.55 14.39 11.47
N PHE C 104 -18.20 14.48 12.75
CA PHE C 104 -18.11 13.30 13.61
C PHE C 104 -19.42 13.07 14.35
N ASP C 105 -19.96 11.86 14.23
CA ASP C 105 -21.07 11.42 15.09
C ASP C 105 -20.45 10.99 16.42
N VAL C 106 -20.76 11.74 17.47
CA VAL C 106 -20.07 11.65 18.76
C VAL C 106 -20.88 10.89 19.82
N SER C 107 -22.04 10.38 19.43
CA SER C 107 -22.94 9.67 20.35
C SER C 107 -22.24 8.60 21.20
N GLU C 108 -21.29 7.89 20.60
CA GLU C 108 -20.59 6.79 21.27
C GLU C 108 -19.43 7.21 22.16
N ASN C 109 -18.81 8.35 21.87
CA ASN C 109 -17.58 8.78 22.57
C ASN C 109 -17.53 10.29 22.81
N PRO C 110 -17.97 10.76 24.00
CA PRO C 110 -17.88 12.19 24.33
C PRO C 110 -16.47 12.71 24.58
N GLU C 111 -15.52 11.83 24.90
CA GLU C 111 -14.14 12.24 25.20
C GLU C 111 -13.42 12.83 23.98
N ALA C 112 -13.90 12.50 22.79
CA ALA C 112 -13.37 13.07 21.55
C ALA C 112 -13.50 14.60 21.49
N ILE C 113 -14.51 15.15 22.18
CA ILE C 113 -14.72 16.60 22.21
C ILE C 113 -13.58 17.32 22.93
N ASP C 114 -13.12 16.74 24.05
CA ASP C 114 -11.97 17.27 24.78
C ASP C 114 -10.68 17.13 23.97
N GLN C 115 -10.57 16.02 23.23
CA GLN C 115 -9.42 15.77 22.37
C GLN C 115 -9.43 16.66 21.12
N LEU C 116 -10.62 16.95 20.60
CA LEU C 116 -10.78 17.81 19.43
C LEU C 116 -10.42 19.26 19.74
N ASN C 117 -11.01 19.81 20.80
CA ASN C 117 -10.76 21.20 21.19
C ASN C 117 -9.40 21.44 21.87
N GLN C 118 -8.60 20.37 22.00
CA GLN C 118 -7.26 20.47 22.55
C GLN C 118 -6.34 21.33 21.69
N GLY C 119 -6.32 21.05 20.38
CA GLY C 119 -5.45 21.77 19.45
C GLY C 119 -6.13 22.95 18.78
N SER C 120 -6.41 23.99 19.56
CA SER C 120 -7.05 25.21 19.06
C SER C 120 -6.03 26.23 18.54
N GLU C 121 -4.77 26.11 18.95
CA GLU C 121 -3.71 27.01 18.50
C GLU C 121 -3.37 26.78 17.03
N ASP C 122 -3.44 25.52 16.59
CA ASP C 122 -3.14 25.15 15.21
C ASP C 122 -4.38 24.55 14.54
N PRO C 123 -5.35 25.41 14.17
CA PRO C 123 -6.56 24.92 13.53
C PRO C 123 -6.34 24.61 12.06
N LEU C 124 -7.14 23.69 11.52
CA LEU C 124 -7.03 23.30 10.11
C LEU C 124 -7.65 24.36 9.19
N LYS C 125 -7.34 24.23 7.89
CA LYS C 125 -7.95 25.06 6.85
C LYS C 125 -9.48 25.04 6.92
N ARG C 126 -10.03 23.83 7.05
CA ARG C 126 -11.45 23.58 6.85
C ARG C 126 -12.17 23.31 8.17
N PRO C 127 -13.50 23.53 8.20
CA PRO C 127 -14.27 23.39 9.45
C PRO C 127 -14.45 21.94 9.90
N VAL C 128 -14.38 21.73 11.21
CA VAL C 128 -14.62 20.43 11.83
C VAL C 128 -15.82 20.56 12.75
N VAL C 129 -16.83 19.70 12.52
CA VAL C 129 -18.12 19.79 13.22
C VAL C 129 -18.41 18.45 13.91
N TYR C 130 -19.23 18.51 14.97
CA TYR C 130 -19.69 17.30 15.65
C TYR C 130 -21.20 17.32 15.89
N VAL C 131 -21.80 16.13 15.98
CA VAL C 131 -23.23 15.98 16.23
C VAL C 131 -23.51 14.85 17.22
N LYS C 132 -24.71 14.87 17.79
CA LYS C 132 -25.10 13.91 18.84
C LYS C 132 -26.61 13.90 19.09
N GLY C 133 -27.09 12.83 19.69
CA GLY C 133 -28.50 12.70 20.04
C GLY C 133 -29.40 12.45 18.84
N ALA C 134 -30.64 12.95 18.92
CA ALA C 134 -31.63 12.75 17.87
C ALA C 134 -31.22 13.34 16.52
N ASP C 135 -30.43 14.42 16.55
CA ASP C 135 -29.87 15.01 15.34
C ASP C 135 -28.89 14.04 14.67
N ALA C 136 -28.07 13.38 15.47
CA ALA C 136 -27.12 12.39 14.95
C ALA C 136 -27.81 11.14 14.39
N ILE C 137 -28.98 10.81 14.95
CA ILE C 137 -29.77 9.67 14.46
C ILE C 137 -30.37 9.97 13.08
N LYS C 138 -30.94 11.15 12.92
CA LYS C 138 -31.50 11.58 11.63
C LYS C 138 -30.44 11.54 10.52
N LEU C 139 -29.24 12.04 10.83
CA LEU C 139 -28.15 12.05 9.87
C LEU C 139 -27.83 10.64 9.37
N MET C 140 -27.68 9.71 10.30
CA MET C 140 -27.34 8.32 9.96
C MET C 140 -28.47 7.58 9.24
N ASN C 141 -29.72 7.97 9.53
CA ASN C 141 -30.86 7.41 8.80
C ASN C 141 -30.87 7.80 7.32
N ILE C 142 -30.39 9.01 7.02
CA ILE C 142 -30.27 9.46 5.64
C ILE C 142 -29.03 8.84 4.97
N VAL C 143 -27.95 8.72 5.74
CA VAL C 143 -26.70 8.12 5.24
C VAL C 143 -26.89 6.63 4.91
N ASN C 144 -27.66 5.93 5.75
CA ASN C 144 -27.90 4.50 5.55
C ASN C 144 -28.71 4.15 4.30
N LYS C 145 -29.79 4.89 4.07
CA LYS C 145 -30.82 4.48 3.11
C LYS C 145 -30.69 5.12 1.72
N GLN C 146 -30.20 6.35 1.64
CA GLN C 146 -30.13 7.08 0.36
C GLN C 146 -28.81 6.84 -0.38
N LYS C 147 -28.82 7.16 -1.68
CA LYS C 147 -27.69 6.92 -2.56
C LYS C 147 -26.71 8.09 -2.55
N VAL C 148 -27.24 9.29 -2.75
CA VAL C 148 -26.43 10.52 -2.77
C VAL C 148 -27.14 11.64 -2.02
N ALA C 149 -26.35 12.56 -1.46
CA ALA C 149 -26.88 13.70 -0.72
C ALA C 149 -25.82 14.79 -0.55
N ARG C 150 -26.25 16.04 -0.65
CA ARG C 150 -25.36 17.19 -0.50
C ARG C 150 -25.57 17.85 0.86
N ALA C 151 -24.48 17.97 1.63
CA ALA C 151 -24.53 18.62 2.94
C ALA C 151 -24.31 20.12 2.81
N ARG C 152 -24.89 20.88 3.72
CA ARG C 152 -24.76 22.34 3.74
C ARG C 152 -24.58 22.85 5.16
N ILE C 153 -23.33 23.13 5.53
CA ILE C 153 -22.99 23.63 6.86
C ILE C 153 -22.85 25.15 6.78
N GLN C 154 -23.55 25.87 7.67
CA GLN C 154 -23.52 27.33 7.68
C GLN C 154 -23.26 27.88 9.07
N HIS C 155 -22.42 28.92 9.13
CA HIS C 155 -21.95 29.51 10.38
C HIS C 155 -22.65 30.85 10.62
N LEU C 156 -23.62 30.87 11.54
CA LEU C 156 -24.33 32.09 11.90
C LEU C 156 -23.58 32.84 12.99
#